data_2RH6
#
_entry.id   2RH6
#
_cell.length_a   66.049
_cell.length_b   78.620
_cell.length_c   129.953
_cell.angle_alpha   90.00
_cell.angle_beta   90.00
_cell.angle_gamma   90.00
#
_symmetry.space_group_name_H-M   'P 21 21 21'
#
loop_
_entity.id
_entity.type
_entity.pdbx_description
1 polymer 'Phosphodiesterase-nucleotide pyrophosphatase'
2 non-polymer 'ZINC ION'
3 non-polymer 'ADENOSINE MONOPHOSPHATE'
4 water water
#
_entity_poly.entity_id   1
_entity_poly.type   'polypeptide(L)'
_entity_poly.pdbx_seq_one_letter_code
;ASASTPHALLLISIDGLRADMLDRGITPNLSHLAREGVRARWMAPSYPSLTFPNHYTLVTGLRPDHHGIVHNSMRDPTLG
GFWLSKSEAVGDARWWGGEPVWVGVENTGQHAATWSWPGSEAAIKGVRPSQWRHYQKGVRLDTRVDAVRGWLATDGAQRN
RLVTLYFEHVDEAGHDHGPESRQYADAVRAVDAAIGRLLAGMQRDGTRARTNIIVVSDHGMAEVAPGHAISVEDIAPPQI
ATAITDGQVIGFEPLPGQQAAAEASVLGAHDHYDCWRKAELPARWQYGSHPRIPSLVCQMHEGWDALFPDKLAKRAQRGT
RGSHGYDPALPSMRAVFLAQGPDLAQGKTLPGFDNVDVYALMSRLLGIPAAPNDGNPATLLPALRMPPAPDAR
;
_entity_poly.pdbx_strand_id   A,B
#
# COMPACT_ATOMS: atom_id res chain seq x y z
N THR A 5 33.67 -3.81 25.96
CA THR A 5 32.36 -3.12 26.09
C THR A 5 31.73 -2.98 24.70
N PRO A 6 30.49 -3.50 24.54
CA PRO A 6 29.82 -3.43 23.24
C PRO A 6 29.42 -2.02 22.82
N HIS A 7 29.31 -1.79 21.52
CA HIS A 7 28.92 -0.47 21.01
C HIS A 7 27.48 -0.09 21.43
N ALA A 8 27.31 1.13 21.92
CA ALA A 8 26.00 1.62 22.33
C ALA A 8 25.21 1.98 21.10
N LEU A 9 23.89 2.07 21.27
CA LEU A 9 22.97 2.52 20.22
C LEU A 9 22.25 3.76 20.75
N LEU A 10 22.30 4.84 19.98
CA LEU A 10 21.55 6.07 20.25
C LEU A 10 20.40 6.10 19.24
N LEU A 11 19.15 6.13 19.72
CA LEU A 11 17.95 6.11 18.90
C LEU A 11 17.24 7.43 19.07
N ILE A 12 17.15 8.20 17.98
CA ILE A 12 16.57 9.52 17.99
C ILE A 12 15.31 9.53 17.15
N SER A 13 14.20 10.02 17.71
CA SER A 13 12.97 10.22 16.94
C SER A 13 12.67 11.70 16.79
N ILE A 14 12.42 12.14 15.56
CA ILE A 14 12.01 13.49 15.28
C ILE A 14 10.54 13.37 14.87
N ASP A 15 9.65 13.61 15.83
CA ASP A 15 8.21 13.43 15.58
C ASP A 15 7.79 14.22 14.35
N GLY A 16 7.08 13.57 13.43
CA GLY A 16 6.46 14.28 12.32
C GLY A 16 7.35 14.79 11.19
N LEU A 17 8.62 14.38 11.17
CA LEU A 17 9.51 14.72 10.07
C LEU A 17 9.20 13.88 8.81
N ARG A 18 8.73 14.57 7.76
CA ARG A 18 8.35 13.91 6.53
C ARG A 18 9.62 13.56 5.76
N ALA A 19 9.54 12.47 5.00
CA ALA A 19 10.74 11.90 4.38
C ALA A 19 11.47 12.85 3.44
N ASP A 20 10.74 13.73 2.78
CA ASP A 20 11.36 14.62 1.78
C ASP A 20 12.11 15.78 2.41
N MET A 21 11.97 15.95 3.74
CA MET A 21 12.51 17.13 4.42
C MET A 21 14.04 17.10 4.61
N LEU A 22 14.67 15.97 4.30
CA LEU A 22 16.12 15.86 4.28
C LEU A 22 16.73 16.47 3.02
N ASP A 23 15.89 16.82 2.05
CA ASP A 23 16.34 17.19 0.71
C ASP A 23 16.03 18.63 0.36
N ARG A 24 15.88 19.46 1.39
CA ARG A 24 15.53 20.87 1.23
C ARG A 24 16.60 21.85 1.71
N GLY A 25 17.77 21.34 2.05
CA GLY A 25 18.86 22.17 2.56
C GLY A 25 18.65 22.75 3.95
N ILE A 26 17.80 22.09 4.75
CA ILE A 26 17.48 22.56 6.10
C ILE A 26 17.93 21.58 7.19
N THR A 27 18.66 20.52 6.83
CA THR A 27 19.12 19.51 7.78
C THR A 27 20.60 19.21 7.56
N PRO A 28 21.47 20.23 7.71
CA PRO A 28 22.90 20.02 7.43
C PRO A 28 23.54 18.89 8.24
N ASN A 29 23.21 18.81 9.53
CA ASN A 29 23.78 17.76 10.37
C ASN A 29 23.26 16.37 10.05
N LEU A 30 21.95 16.25 9.85
CA LEU A 30 21.35 14.97 9.47
C LEU A 30 21.74 14.52 8.05
N SER A 31 21.80 15.46 7.11
CA SER A 31 22.25 15.18 5.75
C SER A 31 23.71 14.68 5.75
N HIS A 32 24.56 15.29 6.58
CA HIS A 32 25.94 14.82 6.67
C HIS A 32 26.00 13.42 7.27
N LEU A 33 25.25 13.20 8.36
CA LEU A 33 25.14 11.89 8.99
C LEU A 33 24.73 10.81 7.98
N ALA A 34 23.74 11.15 7.15
CA ALA A 34 23.24 10.21 6.14
C ALA A 34 24.30 9.86 5.11
N ARG A 35 25.05 10.86 4.66
CA ARG A 35 26.12 10.64 3.68
C ARG A 35 27.21 9.74 4.24
N GLU A 36 27.53 9.93 5.51
CA GLU A 36 28.50 9.09 6.21
C GLU A 36 28.01 7.66 6.38
N GLY A 37 26.71 7.49 6.59
CA GLY A 37 26.18 6.20 6.93
C GLY A 37 25.17 5.70 5.91
N VAL A 38 23.98 5.38 6.40
N VAL A 38 23.97 5.38 6.36
CA VAL A 38 22.93 4.75 5.62
CA VAL A 38 23.00 4.78 5.48
C VAL A 38 21.70 5.65 5.62
C VAL A 38 21.66 5.49 5.63
N ARG A 39 21.02 5.72 4.49
CA ARG A 39 19.74 6.42 4.43
C ARG A 39 18.76 5.65 3.56
N ALA A 40 17.54 5.45 4.06
CA ALA A 40 16.46 4.87 3.26
C ALA A 40 15.75 5.98 2.51
N ARG A 41 15.22 5.66 1.34
CA ARG A 41 14.48 6.66 0.60
C ARG A 41 13.35 7.25 1.45
N TRP A 42 12.73 6.38 2.23
CA TRP A 42 11.66 6.74 3.15
C TRP A 42 11.38 5.49 3.97
N MET A 43 10.53 5.65 4.98
CA MET A 43 10.09 4.56 5.85
C MET A 43 8.60 4.75 6.04
N ALA A 44 7.82 3.72 5.74
CA ALA A 44 6.37 3.83 5.87
C ALA A 44 5.95 3.59 7.30
N PRO A 45 5.08 4.44 7.85
CA PRO A 45 4.49 4.11 9.15
C PRO A 45 3.51 2.95 9.07
N SER A 46 3.12 2.44 10.23
CA SER A 46 2.06 1.47 10.34
C SER A 46 0.73 2.15 10.60
N TYR A 47 -0.37 1.45 10.33
CA TYR A 47 -1.70 1.98 10.59
C TYR A 47 -2.05 1.83 12.05
N PRO A 48 -2.58 2.89 12.69
CA PRO A 48 -2.81 4.26 12.15
C PRO A 48 -1.55 5.10 12.26
N SER A 49 -1.42 6.10 11.37
CA SER A 49 -0.18 6.88 11.29
C SER A 49 -0.16 7.99 12.36
N LEU A 50 -0.22 7.55 13.62
CA LEU A 50 -0.28 8.42 14.79
C LEU A 50 0.95 8.14 15.69
N THR A 51 1.17 9.03 16.64
CA THR A 51 2.41 9.07 17.40
C THR A 51 2.65 7.87 18.32
N PHE A 52 1.69 7.57 19.18
CA PHE A 52 1.91 6.49 20.15
C PHE A 52 1.97 5.14 19.46
N PRO A 53 1.00 4.83 18.60
CA PRO A 53 1.07 3.57 17.88
C PRO A 53 2.40 3.37 17.14
N ASN A 54 2.86 4.36 16.41
CA ASN A 54 4.08 4.18 15.62
C ASN A 54 5.38 4.20 16.40
N HIS A 55 5.48 5.03 17.44
CA HIS A 55 6.69 4.99 18.25
C HIS A 55 6.78 3.61 18.92
N TYR A 56 5.63 3.06 19.31
CA TYR A 56 5.65 1.77 20.01
C TYR A 56 5.97 0.67 19.01
N THR A 57 5.45 0.76 17.78
CA THR A 57 5.85 -0.17 16.73
C THR A 57 7.36 -0.17 16.51
N LEU A 58 7.94 1.02 16.49
CA LEU A 58 9.37 1.14 16.18
C LEU A 58 10.23 0.31 17.11
N VAL A 59 9.90 0.35 18.41
CA VAL A 59 10.71 -0.30 19.42
C VAL A 59 10.29 -1.76 19.72
N THR A 60 9.16 -2.24 19.16
CA THR A 60 8.71 -3.61 19.37
C THR A 60 8.72 -4.48 18.11
N GLY A 61 8.70 -3.84 16.94
CA GLY A 61 8.59 -4.57 15.67
C GLY A 61 7.20 -5.10 15.40
N LEU A 62 6.23 -4.66 16.18
CA LEU A 62 4.85 -5.12 16.05
C LEU A 62 3.95 -4.05 15.48
N ARG A 63 3.02 -4.47 14.62
CA ARG A 63 1.96 -3.58 14.16
C ARG A 63 1.07 -3.20 15.33
N PRO A 64 0.50 -2.00 15.32
CA PRO A 64 -0.43 -1.60 16.38
C PRO A 64 -1.56 -2.62 16.69
N ASP A 65 -2.05 -3.29 15.66
CA ASP A 65 -3.07 -4.33 15.84
C ASP A 65 -2.61 -5.44 16.76
N HIS A 66 -1.29 -5.63 16.87
CA HIS A 66 -0.73 -6.69 17.71
C HIS A 66 -0.25 -6.15 19.05
N HIS A 67 0.37 -4.99 19.08
CA HIS A 67 0.91 -4.50 20.36
C HIS A 67 -0.13 -3.84 21.27
N GLY A 68 -1.32 -3.52 20.74
CA GLY A 68 -2.43 -3.01 21.55
C GLY A 68 -2.55 -1.50 21.72
N ILE A 69 -1.54 -0.76 21.33
CA ILE A 69 -1.59 0.71 21.34
C ILE A 69 -2.12 1.07 19.96
N VAL A 70 -3.44 0.92 19.85
CA VAL A 70 -4.15 0.98 18.56
C VAL A 70 -4.56 2.37 18.14
N HIS A 71 -4.42 3.34 19.04
CA HIS A 71 -4.69 4.74 18.74
C HIS A 71 -4.01 5.52 19.84
N ASN A 72 -3.89 6.84 19.68
CA ASN A 72 -3.46 7.66 20.82
C ASN A 72 -4.47 7.65 21.97
N SER A 73 -5.75 7.55 21.61
N SER A 73 -5.75 7.51 21.62
CA SER A 73 -6.87 7.51 22.59
CA SER A 73 -6.84 7.51 22.58
C SER A 73 -7.63 6.20 22.44
C SER A 73 -7.66 6.22 22.44
N MET A 74 -7.84 5.51 23.56
CA MET A 74 -8.46 4.18 23.55
C MET A 74 -9.35 3.95 24.74
N ARG A 75 -10.22 2.95 24.62
CA ARG A 75 -11.04 2.43 25.73
C ARG A 75 -10.83 0.91 25.82
N ASP A 76 -10.79 0.40 27.04
CA ASP A 76 -10.61 -1.03 27.30
C ASP A 76 -11.62 -1.41 28.37
N PRO A 77 -12.29 -2.57 28.22
CA PRO A 77 -13.32 -2.97 29.20
C PRO A 77 -12.81 -2.99 30.65
N THR A 78 -11.61 -3.51 30.83
CA THR A 78 -11.00 -3.65 32.15
C THR A 78 -10.20 -2.44 32.57
N LEU A 79 -9.37 -1.92 31.66
CA LEU A 79 -8.40 -0.88 32.03
C LEU A 79 -8.98 0.53 31.98
N GLY A 80 -10.11 0.69 31.32
CA GLY A 80 -10.75 2.01 31.19
C GLY A 80 -10.20 2.81 30.03
N GLY A 81 -10.04 4.11 30.24
CA GLY A 81 -9.62 5.05 29.20
C GLY A 81 -8.13 5.26 29.17
N PHE A 82 -7.62 5.56 27.97
CA PHE A 82 -6.18 5.83 27.74
C PHE A 82 -6.12 7.00 26.79
N TRP A 83 -5.35 8.02 27.13
CA TRP A 83 -4.93 9.05 26.16
C TRP A 83 -3.62 9.66 26.66
N LEU A 84 -3.01 10.52 25.85
CA LEU A 84 -1.58 10.86 26.04
C LEU A 84 -1.29 11.56 27.36
N SER A 85 -2.22 12.41 27.80
CA SER A 85 -2.07 13.17 29.04
C SER A 85 -2.60 12.44 30.27
N LYS A 86 -3.14 11.23 30.09
CA LYS A 86 -3.62 10.43 31.23
C LYS A 86 -2.48 9.56 31.80
N SER A 87 -1.71 10.15 32.71
N SER A 87 -1.70 10.16 32.70
CA SER A 87 -0.45 9.55 33.19
CA SER A 87 -0.45 9.57 33.21
C SER A 87 -0.56 8.15 33.78
C SER A 87 -0.56 8.15 33.78
N GLU A 88 -1.60 7.86 34.56
CA GLU A 88 -1.69 6.53 35.18
C GLU A 88 -2.17 5.46 34.20
N ALA A 89 -2.68 5.87 33.04
CA ALA A 89 -2.95 4.91 31.97
C ALA A 89 -1.66 4.68 31.19
N VAL A 90 -1.02 5.77 30.77
CA VAL A 90 0.22 5.66 30.00
C VAL A 90 1.30 4.91 30.79
N GLY A 91 1.30 5.08 32.10
CA GLY A 91 2.26 4.42 32.99
C GLY A 91 1.88 3.01 33.43
N ASP A 92 0.74 2.49 32.92
CA ASP A 92 0.24 1.15 33.29
C ASP A 92 0.64 0.14 32.23
N ALA A 93 1.57 -0.74 32.59
CA ALA A 93 2.14 -1.74 31.68
C ALA A 93 1.11 -2.62 30.98
N ARG A 94 -0.09 -2.77 31.57
CA ARG A 94 -1.10 -3.67 31.00
C ARG A 94 -1.63 -3.23 29.62
N TRP A 95 -1.47 -1.94 29.27
CA TRP A 95 -1.81 -1.45 27.93
C TRP A 95 -0.83 -1.91 26.86
N TRP A 96 0.42 -2.14 27.25
CA TRP A 96 1.52 -2.25 26.30
C TRP A 96 1.92 -3.70 26.03
N GLY A 97 1.69 -4.18 24.82
CA GLY A 97 2.02 -5.54 24.45
C GLY A 97 3.44 -5.70 23.94
N GLY A 98 3.86 -6.94 23.72
CA GLY A 98 5.18 -7.19 23.20
C GLY A 98 6.32 -6.81 24.12
N GLU A 99 7.51 -6.68 23.54
CA GLU A 99 8.73 -6.42 24.30
C GLU A 99 9.51 -5.29 23.62
N PRO A 100 9.46 -4.07 24.19
CA PRO A 100 10.25 -3.00 23.58
C PRO A 100 11.76 -3.21 23.81
N VAL A 101 12.57 -2.67 22.92
CA VAL A 101 14.02 -2.93 23.00
C VAL A 101 14.65 -2.65 24.36
N TRP A 102 14.17 -1.66 25.11
CA TRP A 102 14.77 -1.37 26.42
C TRP A 102 14.55 -2.50 27.42
N VAL A 103 13.42 -3.17 27.32
CA VAL A 103 13.17 -4.34 28.18
C VAL A 103 14.14 -5.47 27.86
N GLY A 104 14.31 -5.73 26.57
CA GLY A 104 15.29 -6.68 26.09
C GLY A 104 16.68 -6.36 26.60
N VAL A 105 17.06 -5.10 26.52
CA VAL A 105 18.38 -4.68 26.98
C VAL A 105 18.54 -4.92 28.50
N GLU A 106 17.58 -4.45 29.29
CA GLU A 106 17.68 -4.60 30.76
C GLU A 106 17.70 -6.09 31.15
N ASN A 107 16.99 -6.94 30.42
CA ASN A 107 16.95 -8.36 30.75
C ASN A 107 18.24 -9.14 30.43
N THR A 108 19.18 -8.52 29.72
CA THR A 108 20.51 -9.10 29.51
C THR A 108 21.54 -8.59 30.52
N GLY A 109 21.10 -7.78 31.48
CA GLY A 109 22.00 -7.17 32.45
C GLY A 109 22.61 -5.87 32.03
N GLN A 110 22.25 -5.39 30.83
CA GLN A 110 22.73 -4.10 30.36
C GLN A 110 21.70 -3.05 30.70
N HIS A 111 21.98 -1.79 30.37
CA HIS A 111 21.09 -0.71 30.80
C HIS A 111 20.63 0.15 29.63
N ALA A 112 19.41 0.66 29.81
CA ALA A 112 18.78 1.56 28.83
C ALA A 112 18.39 2.88 29.48
N ALA A 113 18.59 3.95 28.74
CA ALA A 113 18.18 5.28 29.20
C ALA A 113 17.31 5.94 28.15
N THR A 114 16.11 6.36 28.54
CA THR A 114 15.12 6.86 27.57
C THR A 114 14.70 8.28 27.90
N TRP A 115 14.85 9.21 26.95
CA TRP A 115 14.22 10.51 27.08
C TRP A 115 12.85 10.49 26.39
N SER A 116 11.82 10.16 27.16
N SER A 116 11.82 10.07 27.12
CA SER A 116 10.44 10.28 26.71
CA SER A 116 10.42 10.29 26.76
C SER A 116 10.20 9.58 25.37
C SER A 116 9.88 9.51 25.55
N TRP A 117 10.29 8.25 25.41
CA TRP A 117 9.77 7.41 24.33
C TRP A 117 8.45 6.84 24.81
N PRO A 118 7.41 6.93 23.97
CA PRO A 118 6.13 6.31 24.31
C PRO A 118 6.30 4.87 24.84
N GLY A 119 5.82 4.62 26.07
CA GLY A 119 5.90 3.34 26.73
C GLY A 119 6.96 3.30 27.84
N SER A 120 7.89 4.25 27.82
CA SER A 120 9.02 4.25 28.74
C SER A 120 8.67 4.67 30.17
N GLU A 121 7.42 5.10 30.40
CA GLU A 121 6.98 5.45 31.76
C GLU A 121 6.26 4.29 32.45
N ALA A 122 6.16 3.16 31.76
CA ALA A 122 5.56 1.93 32.32
C ALA A 122 6.61 0.87 32.58
N ALA A 123 6.25 -0.15 33.37
CA ALA A 123 7.13 -1.29 33.61
C ALA A 123 6.67 -2.45 32.73
N ILE A 124 7.01 -2.37 31.45
CA ILE A 124 6.48 -3.32 30.48
C ILE A 124 7.18 -4.65 30.65
N LYS A 125 6.39 -5.72 30.72
CA LYS A 125 6.89 -7.03 31.10
C LYS A 125 7.65 -6.94 32.43
N GLY A 126 7.26 -5.97 33.27
CA GLY A 126 7.82 -5.77 34.60
C GLY A 126 9.10 -4.96 34.65
N VAL A 127 9.60 -4.51 33.48
CA VAL A 127 10.94 -3.96 33.39
C VAL A 127 10.94 -2.49 32.91
N ARG A 128 11.33 -1.59 33.79
CA ARG A 128 11.54 -0.19 33.42
C ARG A 128 12.96 0.00 32.87
N PRO A 129 13.16 1.05 32.06
CA PRO A 129 14.52 1.45 31.76
C PRO A 129 15.22 1.92 33.03
N SER A 130 16.54 1.91 32.99
CA SER A 130 17.34 2.38 34.12
C SER A 130 17.15 3.87 34.33
N GLN A 131 17.12 4.62 33.24
CA GLN A 131 16.83 6.06 33.27
C GLN A 131 15.62 6.36 32.41
N TRP A 132 14.71 7.19 32.91
CA TRP A 132 13.49 7.56 32.19
C TRP A 132 12.83 8.73 32.91
N ARG A 133 11.86 9.37 32.25
CA ARG A 133 11.12 10.43 32.94
C ARG A 133 9.74 10.69 32.39
N HIS A 134 8.92 11.33 33.22
CA HIS A 134 7.59 11.71 32.80
C HIS A 134 7.68 12.82 31.77
N TYR A 135 6.94 12.66 30.67
CA TYR A 135 7.01 13.59 29.56
C TYR A 135 6.40 14.92 29.95
N GLN A 136 7.17 15.99 29.87
CA GLN A 136 6.62 17.32 30.10
C GLN A 136 6.79 18.18 28.86
N LYS A 137 5.78 19.01 28.60
CA LYS A 137 5.80 19.97 27.52
C LYS A 137 6.90 21.00 27.73
N GLY A 138 7.47 21.46 26.62
CA GLY A 138 8.32 22.64 26.61
C GLY A 138 9.64 22.51 27.33
N VAL A 139 10.22 21.32 27.34
CA VAL A 139 11.59 21.14 27.82
C VAL A 139 12.51 21.71 26.75
N ARG A 140 13.61 22.33 27.17
CA ARG A 140 14.50 22.96 26.21
C ARG A 140 15.25 21.92 25.38
N LEU A 141 15.64 22.30 24.18
CA LEU A 141 16.44 21.43 23.31
C LEU A 141 17.77 21.04 23.95
N ASP A 142 18.47 22.03 24.52
N ASP A 142 18.47 22.02 24.53
CA ASP A 142 19.76 21.76 25.17
CA ASP A 142 19.77 21.76 25.17
C ASP A 142 19.62 20.87 26.39
C ASP A 142 19.64 20.87 26.40
N THR A 143 18.54 21.04 27.14
CA THR A 143 18.30 20.24 28.34
C THR A 143 18.27 18.74 28.02
N ARG A 144 17.56 18.37 26.96
CA ARG A 144 17.46 16.96 26.63
C ARG A 144 18.73 16.43 25.99
N VAL A 145 19.36 17.24 25.13
CA VAL A 145 20.60 16.84 24.48
C VAL A 145 21.69 16.61 25.52
N ASP A 146 21.78 17.50 26.48
CA ASP A 146 22.82 17.38 27.48
C ASP A 146 22.60 16.18 28.41
N ALA A 147 21.34 15.84 28.67
CA ALA A 147 21.01 14.65 29.46
C ALA A 147 21.41 13.38 28.70
N VAL A 148 21.11 13.35 27.40
CA VAL A 148 21.41 12.19 26.58
C VAL A 148 22.91 12.01 26.42
N ARG A 149 23.60 13.13 26.21
CA ARG A 149 25.04 13.13 26.15
C ARG A 149 25.62 12.54 27.43
N GLY A 150 25.05 12.95 28.56
CA GLY A 150 25.46 12.44 29.86
C GLY A 150 25.27 10.94 29.95
N TRP A 151 24.12 10.47 29.49
CA TRP A 151 23.79 9.05 29.56
C TRP A 151 24.70 8.18 28.69
N LEU A 152 25.19 8.73 27.59
CA LEU A 152 26.11 8.03 26.72
C LEU A 152 27.51 7.94 27.33
N ALA A 153 27.84 8.91 28.19
CA ALA A 153 29.19 9.01 28.78
C ALA A 153 29.36 8.21 30.06
N THR A 154 28.25 7.81 30.67
N THR A 154 28.26 7.82 30.70
CA THR A 154 28.28 7.06 31.93
CA THR A 154 28.33 7.10 31.96
C THR A 154 29.05 5.76 31.75
C THR A 154 29.03 5.76 31.78
N ASP A 155 29.86 5.42 32.76
CA ASP A 155 30.67 4.20 32.71
C ASP A 155 30.38 3.40 33.97
N GLY A 156 31.25 2.43 34.26
CA GLY A 156 31.02 1.55 35.39
C GLY A 156 29.78 0.73 35.13
N ALA A 157 29.12 0.31 36.20
CA ALA A 157 27.97 -0.58 36.09
C ALA A 157 26.76 0.13 35.47
N GLN A 158 26.70 1.45 35.59
CA GLN A 158 25.60 2.26 35.02
C GLN A 158 25.87 2.69 33.56
N ARG A 159 26.56 1.85 32.80
CA ARG A 159 26.81 2.11 31.40
C ARG A 159 25.53 1.80 30.63
N ASN A 160 25.17 2.63 29.65
CA ASN A 160 23.94 2.47 28.88
C ASN A 160 24.19 1.94 27.47
N ARG A 161 23.75 0.71 27.22
CA ARG A 161 23.84 0.11 25.88
C ARG A 161 22.89 0.82 24.91
N LEU A 162 21.77 1.30 25.43
CA LEU A 162 20.75 1.97 24.62
C LEU A 162 20.43 3.31 25.24
N VAL A 163 20.42 4.34 24.42
CA VAL A 163 19.97 5.66 24.84
C VAL A 163 18.97 6.18 23.78
N THR A 164 17.83 6.70 24.20
CA THR A 164 16.84 7.21 23.26
C THR A 164 16.58 8.69 23.50
N LEU A 165 16.27 9.40 22.42
CA LEU A 165 16.03 10.84 22.44
C LEU A 165 14.82 11.12 21.54
N TYR A 166 13.98 12.07 21.95
CA TYR A 166 12.71 12.34 21.27
C TYR A 166 12.55 13.85 21.17
N PHE A 167 12.14 14.32 20.00
CA PHE A 167 11.77 15.72 19.79
C PHE A 167 10.34 15.83 19.26
N GLU A 168 9.54 16.72 19.86
CA GLU A 168 8.16 16.95 19.43
C GLU A 168 7.96 18.16 18.50
N HIS A 169 9.00 18.96 18.33
CA HIS A 169 8.88 20.32 17.81
C HIS A 169 8.42 20.42 16.37
N VAL A 170 8.88 19.48 15.54
CA VAL A 170 8.53 19.48 14.12
C VAL A 170 7.07 19.11 13.99
N ASP A 171 6.62 18.12 14.76
CA ASP A 171 5.22 17.72 14.74
C ASP A 171 4.31 18.86 15.17
N GLU A 172 4.67 19.53 16.25
CA GLU A 172 3.82 20.61 16.77
C GLU A 172 3.74 21.77 15.77
N ALA A 173 4.86 22.13 15.16
CA ALA A 173 4.88 23.18 14.15
C ALA A 173 4.04 22.78 12.94
N GLY A 174 4.12 21.48 12.58
CA GLY A 174 3.35 20.95 11.46
C GLY A 174 1.86 21.10 11.68
N HIS A 175 1.40 20.72 12.85
CA HIS A 175 -0.02 20.86 13.17
C HIS A 175 -0.46 22.30 13.11
N ASP A 176 0.34 23.18 13.70
CA ASP A 176 -0.07 24.57 13.84
C ASP A 176 -0.06 25.36 12.53
N HIS A 177 0.80 24.99 11.57
CA HIS A 177 1.04 25.82 10.38
C HIS A 177 1.19 25.11 9.05
N GLY A 178 1.28 23.78 9.09
CA GLY A 178 1.44 23.00 7.88
C GLY A 178 2.88 22.67 7.54
N PRO A 179 3.08 21.59 6.77
CA PRO A 179 4.44 21.14 6.45
C PRO A 179 5.22 22.00 5.48
N GLU A 180 4.55 22.88 4.74
CA GLU A 180 5.25 23.78 3.82
C GLU A 180 5.48 25.18 4.45
N SER A 181 5.14 25.31 5.72
CA SER A 181 5.26 26.60 6.40
C SER A 181 6.69 26.92 6.79
N ARG A 182 6.98 28.21 6.96
CA ARG A 182 8.29 28.58 7.48
C ARG A 182 8.49 28.08 8.92
N GLN A 183 7.40 27.95 9.67
CA GLN A 183 7.46 27.48 11.06
C GLN A 183 7.92 26.02 11.12
N TYR A 184 7.38 25.19 10.23
CA TYR A 184 7.79 23.78 10.19
C TYR A 184 9.28 23.69 9.83
N ALA A 185 9.71 24.49 8.86
CA ALA A 185 11.11 24.47 8.46
C ALA A 185 12.02 24.95 9.57
N ASP A 186 11.58 25.97 10.31
CA ASP A 186 12.36 26.51 11.43
C ASP A 186 12.55 25.44 12.50
N ALA A 187 11.49 24.67 12.76
CA ALA A 187 11.56 23.56 13.71
C ALA A 187 12.54 22.46 13.24
N VAL A 188 12.47 22.10 11.96
CA VAL A 188 13.36 21.10 11.40
C VAL A 188 14.80 21.59 11.59
N ARG A 189 15.07 22.83 11.20
CA ARG A 189 16.41 23.41 11.39
C ARG A 189 16.91 23.39 12.83
N ALA A 190 16.02 23.71 13.76
CA ALA A 190 16.35 23.78 15.18
C ALA A 190 16.67 22.42 15.78
N VAL A 191 15.85 21.43 15.46
CA VAL A 191 16.11 20.07 15.92
C VAL A 191 17.40 19.57 15.27
N ASP A 192 17.58 19.82 13.99
CA ASP A 192 18.83 19.42 13.31
C ASP A 192 20.06 20.02 14.00
N ALA A 193 19.96 21.29 14.38
CA ALA A 193 21.09 21.99 15.01
C ALA A 193 21.36 21.39 16.37
N ALA A 194 20.30 21.06 17.09
CA ALA A 194 20.43 20.42 18.39
C ALA A 194 21.14 19.07 18.26
N ILE A 195 20.79 18.31 17.23
CA ILE A 195 21.42 17.04 16.99
C ILE A 195 22.90 17.23 16.63
N GLY A 196 23.21 18.29 15.89
CA GLY A 196 24.60 18.64 15.63
C GLY A 196 25.38 18.91 16.91
N ARG A 197 24.76 19.62 17.85
CA ARG A 197 25.41 19.91 19.13
C ARG A 197 25.66 18.66 19.93
N LEU A 198 24.73 17.71 19.87
CA LEU A 198 24.87 16.42 20.53
C LEU A 198 26.04 15.65 19.93
N LEU A 199 26.10 15.58 18.61
CA LEU A 199 27.16 14.84 17.94
C LEU A 199 28.54 15.42 18.26
N ALA A 200 28.66 16.74 18.23
CA ALA A 200 29.93 17.41 18.56
C ALA A 200 30.35 17.09 19.99
N GLY A 201 29.39 17.11 20.91
CA GLY A 201 29.64 16.78 22.31
C GLY A 201 30.09 15.34 22.50
N MET A 202 29.44 14.43 21.77
CA MET A 202 29.83 13.03 21.83
C MET A 202 31.25 12.87 21.34
N GLN A 203 31.64 13.65 20.34
CA GLN A 203 33.00 13.57 19.82
C GLN A 203 34.00 14.08 20.86
N ARG A 204 33.69 15.20 21.52
CA ARG A 204 34.54 15.70 22.61
C ARG A 204 34.64 14.73 23.81
N ASP A 205 33.55 14.02 24.09
CA ASP A 205 33.50 12.99 25.14
C ASP A 205 34.17 11.67 24.73
N GLY A 206 34.43 11.50 23.44
CA GLY A 206 34.94 10.24 22.91
C GLY A 206 33.92 9.10 22.91
N THR A 207 32.63 9.45 22.92
CA THR A 207 31.56 8.45 22.80
C THR A 207 31.11 8.28 21.34
N ARG A 208 31.37 9.25 20.48
CA ARG A 208 30.87 9.19 19.10
C ARG A 208 31.32 7.91 18.39
N ALA A 209 32.62 7.61 18.50
CA ALA A 209 33.22 6.55 17.70
C ALA A 209 32.75 5.16 18.06
N ARG A 210 32.22 5.00 19.28
CA ARG A 210 31.75 3.69 19.73
C ARG A 210 30.21 3.63 19.86
N THR A 211 29.52 4.58 19.26
CA THR A 211 28.05 4.64 19.32
C THR A 211 27.46 4.59 17.93
N ASN A 212 26.59 3.60 17.71
CA ASN A 212 25.77 3.54 16.51
C ASN A 212 24.57 4.45 16.72
N ILE A 213 24.11 5.09 15.66
CA ILE A 213 23.05 6.08 15.73
C ILE A 213 21.99 5.78 14.69
N ILE A 214 20.72 5.74 15.11
CA ILE A 214 19.59 5.61 14.20
C ILE A 214 18.70 6.82 14.41
N VAL A 215 18.34 7.50 13.31
CA VAL A 215 17.40 8.61 13.38
C VAL A 215 16.17 8.21 12.57
N VAL A 216 15.01 8.27 13.22
CA VAL A 216 13.75 7.95 12.59
C VAL A 216 12.74 9.06 12.85
N SER A 217 11.62 8.99 12.16
CA SER A 217 10.42 9.69 12.58
C SER A 217 9.30 8.67 12.62
N ASP A 218 8.19 9.05 13.25
CA ASP A 218 7.02 8.17 13.38
C ASP A 218 6.03 8.23 12.20
N HIS A 219 6.01 9.35 11.49
CA HIS A 219 5.19 9.58 10.32
C HIS A 219 5.54 10.94 9.76
N GLY A 220 5.01 11.26 8.60
CA GLY A 220 5.17 12.57 8.00
C GLY A 220 4.06 13.53 8.40
N MET A 221 3.66 14.38 7.47
CA MET A 221 2.73 15.48 7.77
C MET A 221 2.11 15.97 6.47
N ALA A 222 0.79 16.15 6.47
CA ALA A 222 0.08 16.67 5.31
C ALA A 222 -0.57 18.02 5.63
N GLU A 223 -0.72 18.84 4.61
CA GLU A 223 -1.35 20.14 4.76
C GLU A 223 -2.85 19.98 4.93
N VAL A 224 -3.39 20.75 5.87
CA VAL A 224 -4.82 20.87 6.09
C VAL A 224 -5.17 22.33 5.86
N ALA A 225 -5.58 22.63 4.63
CA ALA A 225 -5.88 23.99 4.21
C ALA A 225 -7.18 24.46 4.89
N PRO A 226 -7.43 25.78 4.93
CA PRO A 226 -8.68 26.22 5.58
C PRO A 226 -9.95 25.56 5.01
N GLY A 227 -10.95 25.33 5.85
CA GLY A 227 -12.20 24.73 5.41
C GLY A 227 -12.18 23.21 5.30
N HIS A 228 -11.10 22.57 5.76
CA HIS A 228 -10.99 21.11 5.68
C HIS A 228 -11.30 20.41 7.01
N ALA A 229 -12.16 21.00 7.82
CA ALA A 229 -12.59 20.36 9.07
C ALA A 229 -14.11 20.21 9.12
N ILE A 230 -14.57 19.01 9.45
CA ILE A 230 -15.98 18.70 9.72
C ILE A 230 -16.15 18.26 11.18
N SER A 231 -17.39 18.12 11.63
CA SER A 231 -17.69 17.56 12.94
C SER A 231 -17.77 16.05 12.85
N VAL A 232 -17.30 15.35 13.87
CA VAL A 232 -17.53 13.90 13.92
C VAL A 232 -19.04 13.60 13.92
N GLU A 233 -19.85 14.51 14.42
CA GLU A 233 -21.28 14.30 14.43
C GLU A 233 -21.95 14.43 13.07
N ASP A 234 -21.23 14.96 12.10
CA ASP A 234 -21.65 14.90 10.68
C ASP A 234 -21.53 13.49 10.10
N ILE A 235 -20.71 12.66 10.72
CA ILE A 235 -20.51 11.29 10.24
C ILE A 235 -21.60 10.43 10.83
N ALA A 236 -21.79 10.52 12.14
CA ALA A 236 -22.88 9.84 12.83
C ALA A 236 -23.41 10.73 13.95
N PRO A 237 -24.74 10.91 14.00
CA PRO A 237 -25.26 11.67 15.14
C PRO A 237 -25.06 10.95 16.49
N PRO A 238 -24.95 11.73 17.59
CA PRO A 238 -24.62 11.18 18.91
C PRO A 238 -25.66 10.22 19.49
N GLN A 239 -26.90 10.34 19.02
CA GLN A 239 -27.98 9.47 19.43
C GLN A 239 -27.83 8.04 18.88
N ILE A 240 -27.09 7.86 17.80
N ILE A 240 -27.06 7.89 17.81
CA ILE A 240 -26.90 6.52 17.25
CA ILE A 240 -26.85 6.62 17.14
C ILE A 240 -25.49 5.95 17.43
C ILE A 240 -25.53 5.98 17.53
N ALA A 241 -24.48 6.80 17.65
CA ALA A 241 -23.13 6.30 17.93
C ALA A 241 -22.28 7.33 18.64
N THR A 242 -21.34 6.81 19.44
CA THR A 242 -20.39 7.62 20.16
C THR A 242 -19.07 7.63 19.40
N ALA A 243 -18.56 8.82 19.09
CA ALA A 243 -17.21 8.96 18.54
C ALA A 243 -16.22 8.78 19.68
N ILE A 244 -15.42 7.73 19.58
CA ILE A 244 -14.44 7.38 20.58
C ILE A 244 -13.21 8.24 20.36
N THR A 245 -12.88 8.50 19.10
CA THR A 245 -11.76 9.34 18.73
C THR A 245 -12.17 10.31 17.66
N ASP A 246 -11.47 11.43 17.59
CA ASP A 246 -11.62 12.38 16.49
C ASP A 246 -10.27 12.53 15.79
N GLY A 247 -10.20 13.50 14.87
CA GLY A 247 -9.00 13.77 14.08
C GLY A 247 -9.10 13.20 12.69
N GLN A 248 -8.43 12.08 12.46
CA GLN A 248 -8.36 11.45 11.12
C GLN A 248 -8.76 9.98 11.11
N VAL A 249 -8.50 9.27 12.20
CA VAL A 249 -8.97 7.91 12.38
C VAL A 249 -10.06 7.97 13.44
N ILE A 250 -11.29 7.84 12.96
CA ILE A 250 -12.47 8.14 13.75
C ILE A 250 -13.17 6.83 14.09
N GLY A 251 -13.12 6.44 15.36
CA GLY A 251 -13.73 5.20 15.81
C GLY A 251 -15.11 5.50 16.39
N PHE A 252 -16.11 4.71 16.01
CA PHE A 252 -17.47 4.86 16.50
C PHE A 252 -17.96 3.58 17.16
N GLU A 253 -18.65 3.74 18.29
CA GLU A 253 -19.32 2.62 18.93
C GLU A 253 -20.81 2.93 18.93
N PRO A 254 -21.59 2.15 18.19
CA PRO A 254 -23.03 2.37 18.23
C PRO A 254 -23.62 2.27 19.64
N LEU A 255 -24.66 3.04 19.90
CA LEU A 255 -25.40 2.91 21.15
C LEU A 255 -26.15 1.58 21.12
N PRO A 256 -26.59 1.10 22.30
CA PRO A 256 -27.28 -0.19 22.33
C PRO A 256 -28.50 -0.23 21.40
N GLY A 257 -28.60 -1.30 20.62
CA GLY A 257 -29.66 -1.44 19.63
C GLY A 257 -29.52 -0.57 18.40
N GLN A 258 -28.46 0.23 18.30
CA GLN A 258 -28.30 1.18 17.20
C GLN A 258 -27.25 0.76 16.15
N GLN A 259 -26.80 -0.49 16.20
CA GLN A 259 -25.77 -0.96 15.25
C GLN A 259 -26.26 -0.82 13.82
N ALA A 260 -27.53 -1.14 13.57
CA ALA A 260 -28.10 -1.06 12.23
C ALA A 260 -28.19 0.37 11.72
N ALA A 261 -28.70 1.28 12.55
CA ALA A 261 -28.79 2.69 12.17
C ALA A 261 -27.40 3.29 11.98
N ALA A 262 -26.49 2.96 12.90
CA ALA A 262 -25.11 3.45 12.79
C ALA A 262 -24.50 2.98 11.47
N GLU A 263 -24.61 1.67 11.20
CA GLU A 263 -24.08 1.13 9.97
C GLU A 263 -24.70 1.77 8.74
N ALA A 264 -26.02 1.97 8.75
CA ALA A 264 -26.69 2.59 7.62
C ALA A 264 -26.13 3.97 7.28
N SER A 265 -25.82 4.76 8.31
N SER A 265 -25.83 4.76 8.31
CA SER A 265 -25.35 6.13 8.11
CA SER A 265 -25.35 6.13 8.12
C SER A 265 -23.83 6.24 7.91
C SER A 265 -23.83 6.23 7.90
N VAL A 266 -23.08 5.31 8.50
CA VAL A 266 -21.61 5.39 8.52
C VAL A 266 -20.93 4.58 7.40
N LEU A 267 -21.37 3.36 7.18
CA LEU A 267 -20.60 2.46 6.34
C LEU A 267 -20.50 2.91 4.88
N GLY A 268 -19.31 2.73 4.31
CA GLY A 268 -19.08 2.96 2.91
C GLY A 268 -18.37 4.27 2.60
N ALA A 269 -18.59 4.75 1.38
CA ALA A 269 -17.91 5.90 0.85
C ALA A 269 -18.70 7.18 1.05
N HIS A 270 -18.01 8.21 1.51
CA HIS A 270 -18.58 9.56 1.68
C HIS A 270 -17.68 10.60 1.05
N ASP A 271 -18.07 11.88 1.13
N ASP A 271 -18.07 11.87 1.09
CA ASP A 271 -17.38 12.93 0.39
CA ASP A 271 -17.33 12.89 0.33
C ASP A 271 -15.87 13.02 0.66
C ASP A 271 -15.84 12.91 0.66
N HIS A 272 -15.50 12.99 1.94
CA HIS A 272 -14.09 13.17 2.36
C HIS A 272 -13.63 12.15 3.40
N TYR A 273 -14.29 11.00 3.40
CA TYR A 273 -13.92 9.89 4.25
C TYR A 273 -14.58 8.61 3.79
N ASP A 274 -14.12 7.49 4.34
CA ASP A 274 -14.71 6.18 4.15
C ASP A 274 -14.76 5.51 5.49
N CYS A 275 -15.75 4.64 5.70
CA CYS A 275 -15.90 3.91 6.96
C CYS A 275 -16.13 2.42 6.73
N TRP A 276 -15.67 1.62 7.66
CA TRP A 276 -15.75 0.18 7.61
C TRP A 276 -16.05 -0.39 8.98
N ARG A 277 -16.70 -1.55 9.01
CA ARG A 277 -16.67 -2.40 10.18
C ARG A 277 -15.21 -2.77 10.42
N LYS A 278 -14.75 -2.82 11.66
CA LYS A 278 -13.31 -3.03 11.88
C LYS A 278 -12.76 -4.32 11.25
N ALA A 279 -13.56 -5.38 11.21
CA ALA A 279 -13.12 -6.64 10.59
C ALA A 279 -12.96 -6.54 9.08
N GLU A 280 -13.54 -5.49 8.50
CA GLU A 280 -13.60 -5.28 7.05
C GLU A 280 -12.65 -4.18 6.58
N LEU A 281 -11.82 -3.65 7.48
CA LEU A 281 -10.92 -2.59 7.08
C LEU A 281 -9.93 -3.14 6.04
N PRO A 282 -9.50 -2.30 5.11
CA PRO A 282 -8.57 -2.71 4.07
C PRO A 282 -7.44 -3.57 4.62
N ALA A 283 -7.25 -4.73 4.02
CA ALA A 283 -6.28 -5.69 4.51
C ALA A 283 -4.87 -5.10 4.55
N ARG A 284 -4.55 -4.21 3.61
CA ARG A 284 -3.21 -3.62 3.57
C ARG A 284 -2.86 -2.83 4.84
N TRP A 285 -3.86 -2.42 5.62
CA TRP A 285 -3.57 -1.70 6.86
C TRP A 285 -3.24 -2.62 8.04
N GLN A 286 -3.54 -3.92 7.89
CA GLN A 286 -3.25 -4.91 8.93
C GLN A 286 -3.71 -4.41 10.30
N TYR A 287 -5.00 -4.10 10.34
CA TYR A 287 -5.62 -3.45 11.48
C TYR A 287 -7.11 -3.79 11.54
N GLY A 288 -7.58 -3.99 12.75
CA GLY A 288 -9.00 -4.23 12.99
C GLY A 288 -9.36 -5.49 13.77
N SER A 289 -8.36 -6.31 14.11
N SER A 289 -8.35 -6.29 14.13
CA SER A 289 -8.61 -7.51 14.89
CA SER A 289 -8.57 -7.53 14.88
C SER A 289 -8.61 -7.21 16.38
C SER A 289 -8.41 -7.34 16.39
N HIS A 290 -7.83 -6.22 16.81
CA HIS A 290 -7.62 -5.99 18.24
C HIS A 290 -8.92 -5.59 18.93
N PRO A 291 -9.24 -6.23 20.07
CA PRO A 291 -10.48 -5.86 20.76
C PRO A 291 -10.70 -4.39 21.13
N ARG A 292 -9.61 -3.64 21.34
CA ARG A 292 -9.70 -2.24 21.71
C ARG A 292 -10.11 -1.32 20.56
N ILE A 293 -10.14 -1.83 19.32
CA ILE A 293 -10.55 -1.00 18.19
C ILE A 293 -12.07 -0.90 18.22
N PRO A 294 -12.62 0.33 18.11
CA PRO A 294 -14.10 0.43 18.08
C PRO A 294 -14.73 -0.35 16.92
N SER A 295 -16.02 -0.64 17.07
N SER A 295 -16.02 -0.67 17.04
CA SER A 295 -16.75 -1.47 16.10
CA SER A 295 -16.67 -1.53 16.05
C SER A 295 -16.65 -0.93 14.67
C SER A 295 -16.68 -0.94 14.64
N LEU A 296 -16.72 0.39 14.55
CA LEU A 296 -16.72 1.07 13.24
C LEU A 296 -15.56 2.03 13.21
N VAL A 297 -14.82 2.03 12.09
CA VAL A 297 -13.66 2.89 11.94
C VAL A 297 -13.76 3.63 10.61
N CYS A 298 -13.71 4.96 10.69
CA CYS A 298 -13.64 5.82 9.51
C CYS A 298 -12.25 6.41 9.35
N GLN A 299 -11.81 6.49 8.10
CA GLN A 299 -10.54 7.11 7.74
C GLN A 299 -10.82 8.38 6.96
N MET A 300 -10.42 9.51 7.48
CA MET A 300 -10.58 10.76 6.73
C MET A 300 -9.62 10.77 5.55
N HIS A 301 -10.04 11.39 4.44
CA HIS A 301 -9.14 11.54 3.32
C HIS A 301 -8.00 12.51 3.64
N GLU A 302 -6.89 12.37 2.91
CA GLU A 302 -5.73 13.22 3.11
C GLU A 302 -6.12 14.69 3.11
N GLY A 303 -5.70 15.42 4.14
CA GLY A 303 -5.97 16.86 4.22
C GLY A 303 -7.25 17.29 4.89
N TRP A 304 -7.98 16.33 5.46
CA TRP A 304 -9.26 16.57 6.14
C TRP A 304 -9.20 16.14 7.59
N ASP A 305 -9.89 16.89 8.45
CA ASP A 305 -10.02 16.57 9.89
C ASP A 305 -11.51 16.45 10.20
N ALA A 306 -11.85 15.56 11.12
CA ALA A 306 -13.18 15.51 11.73
C ALA A 306 -13.00 15.68 13.22
N LEU A 307 -13.66 16.68 13.79
CA LEU A 307 -13.42 17.09 15.17
C LEU A 307 -14.63 16.93 16.07
N PHE A 308 -14.37 16.70 17.36
CA PHE A 308 -15.44 16.80 18.34
C PHE A 308 -16.06 18.18 18.22
N PRO A 309 -17.39 18.27 18.38
CA PRO A 309 -18.10 19.52 18.13
C PRO A 309 -17.56 20.74 18.89
N ASP A 310 -17.12 20.55 20.13
CA ASP A 310 -16.62 21.70 20.93
C ASP A 310 -15.25 22.20 20.43
N LYS A 311 -14.45 21.31 19.86
CA LYS A 311 -13.18 21.66 19.22
C LYS A 311 -13.37 22.39 17.91
N LEU A 312 -14.29 21.87 17.12
CA LEU A 312 -14.61 22.48 15.84
C LEU A 312 -14.96 23.96 16.05
N ALA A 313 -15.72 24.21 17.11
CA ALA A 313 -16.14 25.58 17.43
C ALA A 313 -14.95 26.50 17.72
N LYS A 314 -14.05 26.05 18.59
CA LYS A 314 -12.88 26.89 18.95
C LYS A 314 -11.72 26.81 17.95
N ARG A 315 -11.89 26.04 16.88
CA ARG A 315 -10.94 26.05 15.76
C ARG A 315 -10.99 27.39 15.06
N ALA A 316 -10.11 28.30 15.46
CA ALA A 316 -10.04 29.65 14.88
C ALA A 316 -9.94 29.59 13.35
N GLN A 317 -11.07 29.79 12.68
CA GLN A 317 -11.21 29.50 11.25
C GLN A 317 -10.43 30.49 10.41
N ARG A 318 -9.12 30.28 10.32
CA ARG A 318 -8.26 31.21 9.61
C ARG A 318 -7.24 30.49 8.72
N GLY A 319 -6.17 29.98 9.34
CA GLY A 319 -4.97 29.63 8.60
C GLY A 319 -4.77 28.17 8.25
N THR A 320 -3.68 27.93 7.55
CA THR A 320 -3.30 26.59 7.11
C THR A 320 -2.75 25.82 8.31
N ARG A 321 -3.03 24.53 8.35
CA ARG A 321 -2.63 23.67 9.46
C ARG A 321 -2.03 22.40 8.89
N GLY A 322 -1.77 21.41 9.73
CA GLY A 322 -1.27 20.15 9.25
C GLY A 322 -1.79 19.01 10.09
N SER A 323 -1.82 17.82 9.52
CA SER A 323 -2.25 16.62 10.21
C SER A 323 -1.54 15.43 9.61
N HIS A 324 -1.51 14.37 10.39
CA HIS A 324 -1.11 13.06 9.90
C HIS A 324 -2.26 12.15 10.25
N GLY A 325 -2.02 10.86 10.46
CA GLY A 325 -3.14 9.95 10.71
C GLY A 325 -3.87 9.51 9.46
N TYR A 326 -3.28 9.80 8.30
CA TYR A 326 -3.82 9.38 7.02
C TYR A 326 -3.19 8.06 6.57
N ASP A 327 -3.77 7.49 5.51
CA ASP A 327 -3.30 6.23 4.90
C ASP A 327 -1.78 6.21 4.86
N PRO A 328 -1.16 5.26 5.58
CA PRO A 328 0.31 5.15 5.69
C PRO A 328 1.08 5.04 4.38
N ALA A 329 0.43 4.65 3.30
CA ALA A 329 1.08 4.53 2.00
C ALA A 329 1.23 5.87 1.27
N LEU A 330 0.55 6.90 1.75
CA LEU A 330 0.64 8.22 1.12
C LEU A 330 2.04 8.78 1.24
N PRO A 331 2.58 9.35 0.16
CA PRO A 331 3.87 10.01 0.27
C PRO A 331 3.94 11.03 1.42
N SER A 332 2.86 11.75 1.69
CA SER A 332 2.89 12.75 2.74
C SER A 332 3.12 12.12 4.12
N MET A 333 2.75 10.86 4.28
CA MET A 333 2.89 10.19 5.58
C MET A 333 4.25 9.51 5.76
N ARG A 334 5.07 9.51 4.73
CA ARG A 334 6.39 8.88 4.77
C ARG A 334 7.26 9.49 5.85
N ALA A 335 7.91 8.58 6.58
CA ALA A 335 8.85 8.92 7.63
C ALA A 335 10.31 8.79 7.17
N VAL A 336 11.21 9.18 8.07
N VAL A 336 11.23 9.21 8.03
CA VAL A 336 12.65 9.13 7.86
CA VAL A 336 12.65 9.08 7.74
C VAL A 336 13.28 7.88 8.50
C VAL A 336 13.28 7.89 8.46
N PHE A 337 14.30 7.32 7.82
CA PHE A 337 15.20 6.38 8.46
C PHE A 337 16.62 6.64 7.97
N LEU A 338 17.53 6.88 8.92
CA LEU A 338 18.92 6.94 8.58
C LEU A 338 19.72 6.40 9.75
N ALA A 339 20.93 5.94 9.49
CA ALA A 339 21.74 5.35 10.55
C ALA A 339 23.21 5.51 10.22
N GLN A 340 24.02 5.58 11.26
CA GLN A 340 25.44 5.77 11.04
C GLN A 340 26.17 5.28 12.27
N GLY A 341 27.35 4.69 12.10
CA GLY A 341 28.12 4.22 13.24
C GLY A 341 29.08 3.11 12.88
N PRO A 342 29.87 2.65 13.88
CA PRO A 342 30.92 1.63 13.66
C PRO A 342 30.41 0.29 13.11
N ASP A 343 29.15 -0.05 13.38
CA ASP A 343 28.59 -1.30 12.91
C ASP A 343 27.66 -1.13 11.71
N LEU A 344 27.58 0.07 11.14
CA LEU A 344 26.68 0.37 10.03
C LEU A 344 27.45 0.73 8.76
N ALA A 345 26.82 0.47 7.63
CA ALA A 345 27.40 0.73 6.31
C ALA A 345 27.65 2.20 6.10
N GLN A 346 28.44 2.51 5.07
CA GLN A 346 28.93 3.87 4.84
C GLN A 346 28.61 4.30 3.42
N GLY A 347 27.88 5.40 3.30
CA GLY A 347 27.54 5.97 1.99
C GLY A 347 26.56 5.14 1.20
N LYS A 348 25.57 4.57 1.88
CA LYS A 348 24.62 3.65 1.27
C LYS A 348 23.22 4.20 1.30
N THR A 349 22.44 3.84 0.27
CA THR A 349 21.03 4.19 0.19
C THR A 349 20.22 2.90 0.11
N LEU A 350 19.10 2.87 0.83
CA LEU A 350 18.22 1.70 0.89
C LEU A 350 16.87 2.04 0.27
N PRO A 351 16.22 1.05 -0.32
CA PRO A 351 14.86 1.26 -0.76
C PRO A 351 13.92 1.63 0.37
N GLY A 352 12.79 2.25 0.03
CA GLY A 352 11.74 2.47 1.03
C GLY A 352 11.31 1.16 1.65
N PHE A 353 10.95 1.19 2.93
CA PHE A 353 10.57 -0.02 3.66
C PHE A 353 9.58 0.29 4.79
N ASP A 354 9.00 -0.76 5.38
N ASP A 354 8.99 -0.73 5.39
CA ASP A 354 8.00 -0.65 6.47
CA ASP A 354 8.01 -0.49 6.44
C ASP A 354 8.67 -0.53 7.84
C ASP A 354 8.64 -0.53 7.82
N ASN A 355 8.13 0.32 8.71
CA ASN A 355 8.76 0.57 10.02
C ASN A 355 8.84 -0.60 11.00
N VAL A 356 8.06 -1.64 10.79
CA VAL A 356 8.19 -2.87 11.58
C VAL A 356 9.57 -3.53 11.42
N ASP A 357 10.31 -3.17 10.36
CA ASP A 357 11.59 -3.80 10.10
C ASP A 357 12.75 -3.23 10.93
N VAL A 358 12.56 -2.09 11.58
CA VAL A 358 13.65 -1.45 12.32
C VAL A 358 14.07 -2.28 13.55
N TYR A 359 13.10 -2.90 14.19
CA TYR A 359 13.34 -3.67 15.42
C TYR A 359 14.41 -4.76 15.25
N ALA A 360 14.33 -5.51 14.15
CA ALA A 360 15.31 -6.59 13.93
C ALA A 360 16.73 -6.03 13.88
N LEU A 361 16.89 -4.87 13.26
CA LEU A 361 18.20 -4.23 13.18
C LEU A 361 18.64 -3.80 14.56
N MET A 362 17.76 -3.15 15.31
CA MET A 362 18.13 -2.68 16.65
C MET A 362 18.49 -3.82 17.59
N SER A 363 17.74 -4.91 17.53
N SER A 363 17.73 -4.91 17.54
CA SER A 363 18.04 -6.08 18.39
CA SER A 363 18.05 -6.07 18.38
C SER A 363 19.45 -6.60 18.13
C SER A 363 19.47 -6.55 18.13
N ARG A 364 19.85 -6.62 16.86
CA ARG A 364 21.21 -7.03 16.51
C ARG A 364 22.26 -6.04 17.03
N LEU A 365 22.04 -4.75 16.84
CA LEU A 365 22.97 -3.73 17.34
C LEU A 365 23.07 -3.68 18.87
N LEU A 366 22.03 -4.15 19.56
CA LEU A 366 21.94 -4.11 21.03
C LEU A 366 22.40 -5.41 21.69
N GLY A 367 22.67 -6.42 20.88
CA GLY A 367 23.09 -7.73 21.42
C GLY A 367 22.03 -8.41 22.26
N ILE A 368 20.77 -8.25 21.86
CA ILE A 368 19.65 -8.89 22.54
C ILE A 368 18.99 -9.88 21.59
N PRO A 369 18.41 -10.94 22.15
CA PRO A 369 17.67 -11.87 21.30
C PRO A 369 16.44 -11.15 20.77
N ALA A 370 16.18 -11.26 19.47
CA ALA A 370 15.00 -10.63 18.88
C ALA A 370 13.73 -11.31 19.37
N ALA A 371 12.85 -10.55 20.02
CA ALA A 371 11.52 -11.04 20.35
C ALA A 371 10.79 -11.36 19.07
N PRO A 372 9.75 -12.19 19.16
CA PRO A 372 8.95 -12.43 17.96
C PRO A 372 8.35 -11.12 17.47
N ASN A 373 8.38 -10.88 16.17
CA ASN A 373 7.86 -9.63 15.66
C ASN A 373 7.28 -9.74 14.25
N ASP A 374 6.72 -8.64 13.77
CA ASP A 374 6.03 -8.61 12.48
C ASP A 374 6.94 -8.18 11.34
N GLY A 375 8.20 -7.87 11.64
CA GLY A 375 9.12 -7.40 10.62
C GLY A 375 9.87 -8.50 9.91
N ASN A 376 10.65 -8.09 8.93
CA ASN A 376 11.54 -8.97 8.19
C ASN A 376 12.99 -8.60 8.49
N PRO A 377 13.78 -9.52 9.08
CA PRO A 377 15.18 -9.19 9.38
C PRO A 377 16.03 -8.98 8.12
N ALA A 378 15.58 -9.51 6.99
CA ALA A 378 16.36 -9.34 5.76
C ALA A 378 16.42 -7.88 5.32
N THR A 379 15.39 -7.10 5.64
CA THR A 379 15.28 -5.76 5.05
C THR A 379 16.47 -4.87 5.39
N LEU A 380 16.90 -4.87 6.65
CA LEU A 380 17.92 -3.93 7.08
C LEU A 380 19.29 -4.56 7.28
N LEU A 381 19.44 -5.84 6.89
CA LEU A 381 20.78 -6.42 6.89
C LEU A 381 21.78 -5.61 6.08
N PRO A 382 21.38 -5.09 4.89
CA PRO A 382 22.27 -4.23 4.11
C PRO A 382 22.69 -2.93 4.81
N ALA A 383 22.01 -2.54 5.89
CA ALA A 383 22.44 -1.38 6.69
C ALA A 383 23.67 -1.67 7.54
N LEU A 384 23.98 -2.96 7.73
CA LEU A 384 25.15 -3.36 8.52
C LEU A 384 26.41 -3.19 7.71
N ARG A 385 27.50 -2.87 8.40
CA ARG A 385 28.78 -2.67 7.75
C ARG A 385 29.25 -3.95 7.06
N MET A 386 29.05 -5.08 7.72
CA MET A 386 29.25 -6.38 7.08
C MET A 386 27.95 -7.16 7.14
N THR B 5 -35.25 -18.60 -15.59
CA THR B 5 -33.86 -18.59 -16.07
C THR B 5 -33.05 -17.56 -15.28
N PRO B 6 -31.92 -17.99 -14.65
CA PRO B 6 -31.14 -17.06 -13.84
C PRO B 6 -30.53 -15.92 -14.64
N HIS B 7 -30.34 -14.76 -14.00
CA HIS B 7 -29.79 -13.61 -14.71
C HIS B 7 -28.36 -13.84 -15.16
N ALA B 8 -28.09 -13.49 -16.41
CA ALA B 8 -26.74 -13.59 -16.95
C ALA B 8 -25.85 -12.49 -16.40
N LEU B 9 -24.54 -12.70 -16.55
CA LEU B 9 -23.52 -11.71 -16.19
C LEU B 9 -22.72 -11.39 -17.44
N LEU B 10 -22.69 -10.11 -17.80
CA LEU B 10 -21.78 -9.58 -18.80
C LEU B 10 -20.58 -8.93 -18.10
N LEU B 11 -19.37 -9.41 -18.38
CA LEU B 11 -18.13 -8.92 -17.76
C LEU B 11 -17.32 -8.24 -18.84
N ILE B 12 -17.06 -6.94 -18.69
CA ILE B 12 -16.34 -6.16 -19.69
C ILE B 12 -15.03 -5.64 -19.09
N SER B 13 -13.91 -5.85 -19.77
CA SER B 13 -12.64 -5.24 -19.36
C SER B 13 -12.18 -4.23 -20.41
N ILE B 14 -11.82 -3.04 -19.94
CA ILE B 14 -11.24 -2.02 -20.78
C ILE B 14 -9.76 -1.91 -20.35
N ASP B 15 -8.86 -2.52 -21.11
CA ASP B 15 -7.46 -2.60 -20.73
C ASP B 15 -6.89 -1.22 -20.49
N GLY B 16 -6.20 -1.01 -19.38
CA GLY B 16 -5.48 0.25 -19.14
C GLY B 16 -6.29 1.50 -18.83
N LEU B 17 -7.59 1.35 -18.55
CA LEU B 17 -8.43 2.47 -18.17
C LEU B 17 -8.16 2.87 -16.71
N ARG B 18 -7.57 4.03 -16.54
CA ARG B 18 -7.21 4.51 -15.20
C ARG B 18 -8.45 4.96 -14.46
N ALA B 19 -8.46 4.75 -13.14
CA ALA B 19 -9.67 4.97 -12.34
C ALA B 19 -10.28 6.36 -12.48
N ASP B 20 -9.44 7.39 -12.66
CA ASP B 20 -9.92 8.77 -12.77
C ASP B 20 -10.56 9.10 -14.13
N MET B 21 -10.47 8.17 -15.07
CA MET B 21 -10.94 8.44 -16.44
C MET B 21 -12.43 8.36 -16.58
N LEU B 22 -13.12 7.91 -15.53
CA LEU B 22 -14.57 7.99 -15.46
C LEU B 22 -15.09 9.38 -15.11
N ASP B 23 -14.20 10.26 -14.66
CA ASP B 23 -14.59 11.53 -14.07
C ASP B 23 -14.05 12.72 -14.84
N ARG B 24 -13.85 12.57 -16.13
CA ARG B 24 -13.45 13.71 -16.94
C ARG B 24 -14.26 13.92 -18.21
N GLY B 25 -15.53 13.52 -18.17
CA GLY B 25 -16.46 13.82 -19.26
C GLY B 25 -16.23 13.14 -20.58
N ILE B 26 -15.55 12.00 -20.57
CA ILE B 26 -15.27 11.25 -21.79
C ILE B 26 -15.85 9.84 -21.77
N THR B 27 -16.66 9.52 -20.74
CA THR B 27 -17.27 8.19 -20.62
C THR B 27 -18.77 8.35 -20.32
N PRO B 28 -19.50 9.02 -21.21
CA PRO B 28 -20.92 9.27 -20.91
C PRO B 28 -21.75 8.00 -20.67
N ASN B 29 -21.50 6.95 -21.46
CA ASN B 29 -22.24 5.71 -21.29
C ASN B 29 -21.89 4.99 -20.00
N LEU B 30 -20.59 4.89 -19.69
CA LEU B 30 -20.19 4.24 -18.44
C LEU B 30 -20.62 5.08 -17.23
N SER B 31 -20.55 6.39 -17.37
CA SER B 31 -20.89 7.26 -16.25
C SER B 31 -22.37 7.13 -15.90
N HIS B 32 -23.20 6.96 -16.92
CA HIS B 32 -24.63 6.78 -16.70
C HIS B 32 -24.90 5.41 -16.10
N LEU B 33 -24.21 4.40 -16.60
CA LEU B 33 -24.33 3.04 -16.06
C LEU B 33 -23.96 3.04 -14.58
N ALA B 34 -22.84 3.69 -14.25
CA ALA B 34 -22.39 3.79 -12.87
C ALA B 34 -23.42 4.48 -11.98
N ARG B 35 -24.02 5.56 -12.47
CA ARG B 35 -25.07 6.27 -11.70
C ARG B 35 -26.32 5.45 -11.45
N GLU B 36 -26.70 4.66 -12.45
CA GLU B 36 -27.80 3.70 -12.34
C GLU B 36 -27.44 2.58 -11.37
N GLY B 37 -26.15 2.30 -11.20
CA GLY B 37 -25.72 1.13 -10.48
C GLY B 37 -24.76 1.45 -9.35
N VAL B 38 -23.63 0.75 -9.36
N VAL B 38 -23.61 0.78 -9.34
CA VAL B 38 -22.61 0.81 -8.31
CA VAL B 38 -22.67 0.94 -8.24
C VAL B 38 -21.27 1.21 -8.94
C VAL B 38 -21.25 1.10 -8.80
N ARG B 39 -20.51 2.05 -8.25
CA ARG B 39 -19.14 2.29 -8.67
C ARG B 39 -18.22 2.41 -7.47
N ALA B 40 -17.06 1.81 -7.59
CA ALA B 40 -16.03 1.98 -6.59
C ALA B 40 -15.25 3.26 -6.90
N ARG B 41 -14.72 3.91 -5.87
CA ARG B 41 -13.86 5.06 -6.13
C ARG B 41 -12.71 4.69 -7.07
N TRP B 42 -12.19 3.49 -6.88
CA TRP B 42 -11.11 2.92 -7.70
C TRP B 42 -10.97 1.46 -7.29
N MET B 43 -10.20 0.70 -8.06
CA MET B 43 -9.91 -0.71 -7.73
C MET B 43 -8.41 -0.89 -7.91
N ALA B 44 -7.74 -1.37 -6.89
CA ALA B 44 -6.30 -1.58 -6.97
C ALA B 44 -5.96 -2.86 -7.72
N PRO B 45 -5.01 -2.80 -8.68
CA PRO B 45 -4.53 -4.05 -9.27
C PRO B 45 -3.66 -4.82 -8.27
N SER B 46 -3.38 -6.08 -8.61
CA SER B 46 -2.44 -6.90 -7.90
C SER B 46 -1.06 -6.74 -8.53
N TYR B 47 -0.05 -7.12 -7.78
CA TYR B 47 1.33 -7.09 -8.26
C TYR B 47 1.60 -8.36 -9.08
N PRO B 48 2.21 -8.22 -10.27
CA PRO B 48 2.58 -6.97 -10.96
C PRO B 48 1.44 -6.35 -11.72
N SER B 49 1.43 -5.03 -11.88
CA SER B 49 0.30 -4.34 -12.49
C SER B 49 0.36 -4.42 -14.02
N LEU B 50 0.32 -5.66 -14.52
CA LEU B 50 0.35 -5.98 -15.94
C LEU B 50 -0.92 -6.73 -16.34
N THR B 51 -1.09 -6.90 -17.65
CA THR B 51 -2.37 -7.31 -18.21
C THR B 51 -2.76 -8.77 -17.94
N PHE B 52 -1.88 -9.72 -18.26
CA PHE B 52 -2.25 -11.11 -18.06
C PHE B 52 -2.42 -11.45 -16.58
N PRO B 53 -1.44 -11.07 -15.75
CA PRO B 53 -1.61 -11.35 -14.31
C PRO B 53 -2.92 -10.81 -13.72
N ASN B 54 -3.26 -9.59 -14.04
CA ASN B 54 -4.46 -9.00 -13.47
C ASN B 54 -5.76 -9.47 -14.07
N HIS B 55 -5.81 -9.68 -15.38
CA HIS B 55 -7.02 -10.24 -15.94
C HIS B 55 -7.29 -11.63 -15.34
N TYR B 56 -6.25 -12.42 -15.16
CA TYR B 56 -6.44 -13.74 -14.60
C TYR B 56 -6.78 -13.66 -13.11
N THR B 57 -6.20 -12.72 -12.36
CA THR B 57 -6.65 -12.46 -10.98
C THR B 57 -8.15 -12.12 -10.93
N LEU B 58 -8.59 -11.26 -11.83
CA LEU B 58 -9.99 -10.84 -11.80
C LEU B 58 -10.95 -12.03 -11.80
N VAL B 59 -10.67 -13.04 -12.61
CA VAL B 59 -11.60 -14.15 -12.80
C VAL B 59 -11.32 -15.36 -11.91
N THR B 60 -10.25 -15.31 -11.11
CA THR B 60 -9.92 -16.39 -10.16
C THR B 60 -9.98 -16.00 -8.69
N GLY B 61 -9.90 -14.70 -8.41
CA GLY B 61 -9.79 -14.24 -7.02
C GLY B 61 -8.42 -14.48 -6.40
N LEU B 62 -7.45 -14.88 -7.20
CA LEU B 62 -6.11 -15.18 -6.71
C LEU B 62 -5.11 -14.14 -7.11
N ARG B 63 -4.17 -13.87 -6.22
CA ARG B 63 -3.03 -13.02 -6.53
C ARG B 63 -2.16 -13.74 -7.55
N PRO B 64 -1.49 -12.99 -8.43
CA PRO B 64 -0.54 -13.65 -9.38
C PRO B 64 0.48 -14.60 -8.74
N ASP B 65 0.94 -14.29 -7.54
CA ASP B 65 1.87 -15.16 -6.84
C ASP B 65 1.27 -16.55 -6.61
N HIS B 66 -0.06 -16.66 -6.66
CA HIS B 66 -0.74 -17.92 -6.39
C HIS B 66 -1.25 -18.63 -7.65
N HIS B 67 -1.80 -17.89 -8.61
CA HIS B 67 -2.34 -18.52 -9.82
C HIS B 67 -1.24 -18.83 -10.84
N GLY B 68 -0.05 -18.27 -10.65
CA GLY B 68 1.10 -18.64 -11.49
C GLY B 68 1.33 -17.86 -12.78
N ILE B 69 0.39 -17.00 -13.16
CA ILE B 69 0.60 -16.05 -14.25
C ILE B 69 1.27 -14.84 -13.61
N VAL B 70 2.56 -14.97 -13.35
CA VAL B 70 3.31 -14.03 -12.50
C VAL B 70 3.84 -12.81 -13.25
N HIS B 71 3.72 -12.86 -14.57
CA HIS B 71 4.15 -11.75 -15.45
C HIS B 71 3.48 -12.00 -16.79
N ASN B 72 3.58 -11.05 -17.71
CA ASN B 72 3.17 -11.28 -19.09
C ASN B 72 4.11 -12.24 -19.82
N SER B 73 5.39 -12.19 -19.43
N SER B 73 5.39 -12.19 -19.43
CA SER B 73 6.43 -13.01 -20.03
CA SER B 73 6.42 -13.01 -20.04
C SER B 73 7.08 -13.85 -18.94
C SER B 73 7.09 -13.85 -18.95
N MET B 74 7.16 -15.16 -19.16
CA MET B 74 7.70 -16.09 -18.16
C MET B 74 8.57 -17.16 -18.78
N ARG B 75 9.35 -17.83 -17.94
CA ARG B 75 9.99 -19.08 -18.31
C ARG B 75 9.74 -20.12 -17.22
N ASP B 76 9.68 -21.37 -17.66
CA ASP B 76 9.42 -22.48 -16.79
C ASP B 76 10.27 -23.64 -17.32
N PRO B 77 11.05 -24.31 -16.45
CA PRO B 77 11.93 -25.39 -16.93
C PRO B 77 11.21 -26.56 -17.59
N THR B 78 9.93 -26.77 -17.27
CA THR B 78 9.13 -27.82 -17.92
C THR B 78 8.31 -27.27 -19.08
N LEU B 79 7.62 -26.16 -18.87
CA LEU B 79 6.64 -25.67 -19.84
C LEU B 79 7.24 -24.81 -20.94
N GLY B 80 8.48 -24.38 -20.77
CA GLY B 80 9.12 -23.51 -21.74
C GLY B 80 8.82 -22.04 -21.48
N GLY B 81 8.84 -21.25 -22.54
CA GLY B 81 8.58 -19.82 -22.47
C GLY B 81 7.09 -19.52 -22.57
N PHE B 82 6.72 -18.34 -22.10
CA PHE B 82 5.35 -17.86 -22.15
C PHE B 82 5.46 -16.38 -22.46
N TRP B 83 4.77 -15.93 -23.50
CA TRP B 83 4.51 -14.51 -23.72
C TRP B 83 3.20 -14.36 -24.49
N LEU B 84 2.69 -13.14 -24.60
CA LEU B 84 1.27 -12.97 -24.97
C LEU B 84 0.93 -13.52 -26.36
N SER B 85 1.85 -13.39 -27.30
CA SER B 85 1.61 -13.84 -28.68
C SER B 85 2.00 -15.29 -28.92
N LYS B 86 2.54 -15.97 -27.90
CA LYS B 86 2.98 -17.36 -28.03
C LYS B 86 1.76 -18.27 -27.83
N SER B 87 1.03 -18.50 -28.91
N SER B 87 1.03 -18.48 -28.92
CA SER B 87 -0.31 -19.11 -28.83
CA SER B 87 -0.29 -19.14 -28.87
C SER B 87 -0.32 -20.51 -28.20
C SER B 87 -0.29 -20.50 -28.17
N GLU B 88 0.74 -21.29 -28.41
CA GLU B 88 0.80 -22.64 -27.85
C GLU B 88 1.14 -22.66 -26.36
N ALA B 89 1.70 -21.57 -25.85
CA ALA B 89 1.91 -21.43 -24.41
C ALA B 89 0.62 -20.92 -23.75
N VAL B 90 0.09 -19.83 -24.27
CA VAL B 90 -1.14 -19.22 -23.72
C VAL B 90 -2.30 -20.24 -23.69
N GLY B 91 -2.34 -21.11 -24.69
CA GLY B 91 -3.34 -22.16 -24.78
C GLY B 91 -3.03 -23.45 -24.06
N ASP B 92 -1.93 -23.47 -23.28
CA ASP B 92 -1.48 -24.64 -22.51
C ASP B 92 -1.99 -24.50 -21.08
N ALA B 93 -2.94 -25.36 -20.71
CA ALA B 93 -3.59 -25.28 -19.40
C ALA B 93 -2.64 -25.32 -18.20
N ARG B 94 -1.46 -25.91 -18.37
CA ARG B 94 -0.52 -26.09 -17.25
C ARG B 94 0.01 -24.79 -16.64
N TRP B 95 -0.04 -23.69 -17.40
CA TRP B 95 0.34 -22.38 -16.85
C TRP B 95 -0.65 -21.80 -15.84
N TRP B 96 -1.92 -22.18 -15.98
CA TRP B 96 -3.03 -21.42 -15.37
C TRP B 96 -3.54 -22.11 -14.10
N GLY B 97 -3.21 -21.53 -12.94
CA GLY B 97 -3.67 -22.05 -11.65
C GLY B 97 -5.09 -21.66 -11.29
N GLY B 98 -5.62 -22.28 -10.25
CA GLY B 98 -6.97 -21.96 -9.80
C GLY B 98 -8.06 -22.32 -10.78
N GLU B 99 -9.21 -21.69 -10.60
CA GLU B 99 -10.39 -21.96 -11.39
C GLU B 99 -11.02 -20.65 -11.80
N PRO B 100 -10.87 -20.27 -13.08
CA PRO B 100 -11.53 -19.06 -13.53
C PRO B 100 -13.04 -19.22 -13.60
N VAL B 101 -13.75 -18.12 -13.52
CA VAL B 101 -15.20 -18.21 -13.42
C VAL B 101 -15.89 -18.99 -14.53
N TRP B 102 -15.34 -18.95 -15.75
CA TRP B 102 -15.98 -19.68 -16.86
C TRP B 102 -15.95 -21.19 -16.69
N VAL B 103 -14.90 -21.69 -16.03
CA VAL B 103 -14.81 -23.12 -15.72
C VAL B 103 -15.88 -23.46 -14.68
N GLY B 104 -15.98 -22.60 -13.67
CA GLY B 104 -17.03 -22.75 -12.67
C GLY B 104 -18.41 -22.81 -13.31
N VAL B 105 -18.68 -21.90 -14.24
CA VAL B 105 -19.96 -21.87 -14.93
C VAL B 105 -20.21 -23.16 -15.73
N GLU B 106 -19.23 -23.57 -16.54
CA GLU B 106 -19.36 -24.76 -17.38
C GLU B 106 -19.59 -26.01 -16.52
N ASN B 107 -18.90 -26.07 -15.38
CA ASN B 107 -19.01 -27.26 -14.45
C ASN B 107 -20.37 -27.34 -13.75
N THR B 108 -21.13 -26.24 -13.74
CA THR B 108 -22.49 -26.29 -13.20
C THR B 108 -23.50 -26.65 -14.27
N GLY B 109 -23.04 -27.07 -15.44
CA GLY B 109 -23.93 -27.30 -16.59
C GLY B 109 -24.50 -26.06 -17.28
N GLN B 110 -23.90 -24.90 -17.05
CA GLN B 110 -24.29 -23.69 -17.75
C GLN B 110 -23.22 -23.33 -18.78
N HIS B 111 -23.46 -22.29 -19.57
CA HIS B 111 -22.51 -21.96 -20.64
C HIS B 111 -21.91 -20.56 -20.49
N ALA B 112 -20.64 -20.48 -20.88
CA ALA B 112 -19.87 -19.23 -20.86
C ALA B 112 -19.38 -18.92 -22.26
N ALA B 113 -19.44 -17.65 -22.64
CA ALA B 113 -18.93 -17.22 -23.94
C ALA B 113 -17.92 -16.10 -23.71
N THR B 114 -16.72 -16.25 -24.25
CA THR B 114 -15.63 -15.32 -23.96
C THR B 114 -15.04 -14.65 -25.21
N TRP B 115 -15.07 -13.32 -25.24
CA TRP B 115 -14.32 -12.56 -26.26
C TRP B 115 -12.91 -12.23 -25.74
N SER B 116 -12.02 -13.20 -25.86
N SER B 116 -11.99 -13.17 -25.92
CA SER B 116 -10.57 -13.01 -25.71
CA SER B 116 -10.58 -12.91 -25.66
C SER B 116 -10.06 -12.63 -24.31
C SER B 116 -10.34 -12.42 -24.24
N TRP B 117 -10.60 -13.28 -23.28
CA TRP B 117 -10.12 -13.07 -21.90
C TRP B 117 -8.88 -13.92 -21.68
N PRO B 118 -7.82 -13.32 -21.13
CA PRO B 118 -6.64 -14.11 -20.83
C PRO B 118 -6.92 -15.40 -20.06
N GLY B 119 -6.56 -16.53 -20.68
CA GLY B 119 -6.79 -17.85 -20.11
C GLY B 119 -7.85 -18.64 -20.86
N SER B 120 -8.71 -17.96 -21.59
CA SER B 120 -9.86 -18.59 -22.25
C SER B 120 -9.50 -19.45 -23.48
N GLU B 121 -8.24 -19.44 -23.91
CA GLU B 121 -7.82 -20.27 -25.05
C GLU B 121 -7.23 -21.60 -24.60
N ALA B 122 -7.22 -21.83 -23.29
CA ALA B 122 -6.75 -23.08 -22.71
C ALA B 122 -7.89 -23.90 -22.15
N ALA B 123 -7.62 -25.18 -21.94
CA ALA B 123 -8.52 -26.10 -21.24
C ALA B 123 -8.15 -26.17 -19.77
N ILE B 124 -8.45 -25.11 -19.04
CA ILE B 124 -8.10 -25.05 -17.62
C ILE B 124 -8.98 -26.01 -16.83
N LYS B 125 -8.34 -26.85 -16.01
CA LYS B 125 -9.00 -27.96 -15.32
C LYS B 125 -9.82 -28.81 -16.30
N GLY B 126 -9.32 -28.90 -17.52
CA GLY B 126 -9.94 -29.69 -18.57
C GLY B 126 -11.17 -29.09 -19.24
N VAL B 127 -11.48 -27.83 -18.95
CA VAL B 127 -12.72 -27.22 -19.38
C VAL B 127 -12.45 -25.95 -20.19
N ARG B 128 -13.09 -25.85 -21.34
CA ARG B 128 -13.09 -24.62 -22.16
C ARG B 128 -14.45 -23.93 -22.08
N PRO B 129 -14.51 -22.61 -22.36
CA PRO B 129 -15.82 -21.98 -22.51
C PRO B 129 -16.57 -22.57 -23.71
N SER B 130 -17.88 -22.43 -23.70
CA SER B 130 -18.71 -22.94 -24.78
C SER B 130 -18.50 -22.20 -26.08
N GLN B 131 -18.29 -20.90 -25.97
CA GLN B 131 -18.00 -20.06 -27.12
C GLN B 131 -16.74 -19.22 -26.78
N TRP B 132 -15.81 -19.15 -27.72
CA TRP B 132 -14.51 -18.52 -27.50
C TRP B 132 -13.80 -18.31 -28.82
N ARG B 133 -12.63 -17.66 -28.77
CA ARG B 133 -11.80 -17.51 -29.95
C ARG B 133 -10.36 -17.15 -29.62
N HIS B 134 -9.48 -17.36 -30.60
CA HIS B 134 -8.10 -16.96 -30.48
C HIS B 134 -8.03 -15.45 -30.63
N TYR B 135 -7.24 -14.81 -29.77
CA TYR B 135 -7.11 -13.35 -29.82
C TYR B 135 -6.40 -12.95 -31.09
N GLN B 136 -6.84 -11.85 -31.70
CA GLN B 136 -6.16 -11.30 -32.86
C GLN B 136 -6.25 -9.79 -32.89
N LYS B 137 -5.19 -9.16 -33.40
CA LYS B 137 -5.11 -7.71 -33.53
C LYS B 137 -6.14 -7.18 -34.53
N GLY B 138 -6.65 -5.99 -34.25
CA GLY B 138 -7.37 -5.19 -35.24
C GLY B 138 -8.84 -5.52 -35.47
N VAL B 139 -9.49 -6.25 -34.58
CA VAL B 139 -10.91 -6.54 -34.75
C VAL B 139 -11.71 -5.26 -34.50
N ARG B 140 -12.73 -5.02 -35.33
CA ARG B 140 -13.56 -3.81 -35.21
C ARG B 140 -14.37 -3.79 -33.92
N LEU B 141 -14.68 -2.58 -33.44
CA LEU B 141 -15.48 -2.46 -32.24
C LEU B 141 -16.86 -3.07 -32.44
N ASP B 142 -17.52 -2.77 -33.55
CA ASP B 142 -18.87 -3.26 -33.73
C ASP B 142 -18.95 -4.77 -34.04
N THR B 143 -17.88 -5.34 -34.58
CA THR B 143 -17.80 -6.79 -34.77
C THR B 143 -17.88 -7.50 -33.43
N ARG B 144 -17.10 -7.02 -32.46
CA ARG B 144 -17.12 -7.68 -31.14
C ARG B 144 -18.39 -7.36 -30.35
N VAL B 145 -18.93 -6.15 -30.52
CA VAL B 145 -20.22 -5.82 -29.92
C VAL B 145 -21.32 -6.74 -30.48
N ASP B 146 -21.33 -6.91 -31.79
CA ASP B 146 -22.25 -7.83 -32.45
C ASP B 146 -22.19 -9.25 -31.91
N ALA B 147 -20.97 -9.76 -31.76
CA ALA B 147 -20.76 -11.12 -31.26
C ALA B 147 -21.32 -11.26 -29.86
N VAL B 148 -20.98 -10.30 -28.98
CA VAL B 148 -21.35 -10.39 -27.59
C VAL B 148 -22.86 -10.24 -27.46
N ARG B 149 -23.42 -9.34 -28.25
CA ARG B 149 -24.86 -9.17 -28.30
C ARG B 149 -25.57 -10.48 -28.69
N GLY B 150 -25.02 -11.14 -29.71
CA GLY B 150 -25.51 -12.44 -30.14
C GLY B 150 -25.40 -13.50 -29.05
N TRP B 151 -24.28 -13.53 -28.37
CA TRP B 151 -24.08 -14.51 -27.29
C TRP B 151 -25.07 -14.33 -26.15
N LEU B 152 -25.45 -13.09 -25.89
CA LEU B 152 -26.39 -12.79 -24.81
C LEU B 152 -27.80 -13.14 -25.24
N ALA B 153 -28.05 -13.11 -26.54
CA ALA B 153 -29.38 -13.36 -27.09
C ALA B 153 -29.71 -14.85 -27.24
N THR B 154 -28.69 -15.68 -27.45
N THR B 154 -28.71 -15.69 -27.47
CA THR B 154 -28.86 -17.14 -27.62
CA THR B 154 -28.95 -17.11 -27.73
C THR B 154 -29.81 -17.73 -26.59
C THR B 154 -29.80 -17.75 -26.62
N ASP B 155 -30.76 -18.55 -27.05
CA ASP B 155 -31.73 -19.18 -26.18
C ASP B 155 -31.68 -20.68 -26.44
N GLY B 156 -32.64 -21.41 -25.91
CA GLY B 156 -32.56 -22.86 -25.90
C GLY B 156 -31.45 -23.23 -24.94
N ALA B 157 -30.90 -24.42 -25.12
CA ALA B 157 -29.93 -24.97 -24.18
C ALA B 157 -28.56 -24.31 -24.27
N GLN B 158 -28.31 -23.58 -25.35
CA GLN B 158 -27.01 -22.94 -25.56
C GLN B 158 -26.97 -21.51 -25.00
N ARG B 159 -27.92 -21.19 -24.14
CA ARG B 159 -27.95 -19.96 -23.36
C ARG B 159 -26.66 -19.75 -22.57
N ASN B 160 -26.14 -18.51 -22.57
CA ASN B 160 -24.91 -18.20 -21.85
C ASN B 160 -25.16 -17.44 -20.56
N ARG B 161 -24.82 -18.08 -19.44
CA ARG B 161 -24.91 -17.44 -18.11
C ARG B 161 -23.84 -16.35 -17.96
N LEU B 162 -22.69 -16.57 -18.57
CA LEU B 162 -21.57 -15.62 -18.54
C LEU B 162 -21.14 -15.28 -19.95
N VAL B 163 -20.97 -13.97 -20.21
CA VAL B 163 -20.42 -13.47 -21.48
C VAL B 163 -19.35 -12.45 -21.11
N THR B 164 -18.17 -12.58 -21.71
CA THR B 164 -17.10 -11.61 -21.42
C THR B 164 -16.70 -10.84 -22.68
N LEU B 165 -16.29 -9.57 -22.47
CA LEU B 165 -15.91 -8.69 -23.56
C LEU B 165 -14.60 -7.98 -23.17
N TYR B 166 -13.73 -7.74 -24.14
CA TYR B 166 -12.42 -7.12 -23.87
C TYR B 166 -12.09 -6.09 -24.93
N PHE B 167 -11.51 -4.97 -24.51
CA PHE B 167 -11.02 -3.94 -25.42
C PHE B 167 -9.57 -3.62 -25.08
N GLU B 168 -8.71 -3.61 -26.11
CA GLU B 168 -7.27 -3.29 -25.98
C GLU B 168 -6.91 -1.80 -26.24
N HIS B 169 -7.85 -1.05 -26.77
CA HIS B 169 -7.58 0.24 -27.44
C HIS B 169 -7.01 1.33 -26.55
N VAL B 170 -7.54 1.42 -25.34
CA VAL B 170 -7.13 2.46 -24.40
C VAL B 170 -5.67 2.19 -23.95
N ASP B 171 -5.35 0.94 -23.60
CA ASP B 171 -3.98 0.57 -23.22
C ASP B 171 -2.98 0.87 -24.35
N GLU B 172 -3.36 0.54 -25.58
CA GLU B 172 -2.46 0.73 -26.73
C GLU B 172 -2.15 2.21 -26.94
N ALA B 173 -3.19 3.04 -26.89
CA ALA B 173 -3.04 4.48 -26.99
C ALA B 173 -2.20 5.05 -25.84
N GLY B 174 -2.42 4.52 -24.64
CA GLY B 174 -1.65 4.95 -23.47
C GLY B 174 -0.15 4.76 -23.63
N HIS B 175 0.26 3.61 -24.10
CA HIS B 175 1.70 3.33 -24.25
C HIS B 175 2.33 4.28 -25.27
N ASP B 176 1.65 4.45 -26.39
CA ASP B 176 2.23 5.23 -27.51
C ASP B 176 2.26 6.73 -27.25
N HIS B 177 1.31 7.25 -26.48
CA HIS B 177 1.14 8.72 -26.37
C HIS B 177 0.99 9.24 -24.94
N GLY B 178 0.82 8.34 -23.97
CA GLY B 178 0.63 8.73 -22.58
C GLY B 178 -0.84 8.91 -22.18
N PRO B 179 -1.14 8.78 -20.88
CA PRO B 179 -2.53 8.85 -20.43
C PRO B 179 -3.20 10.22 -20.48
N GLU B 180 -2.42 11.29 -20.63
CA GLU B 180 -3.01 12.62 -20.74
C GLU B 180 -3.20 13.06 -22.20
N SER B 181 -2.86 12.17 -23.12
CA SER B 181 -2.96 12.52 -24.54
C SER B 181 -4.37 12.52 -25.12
N ARG B 182 -4.50 13.23 -26.24
CA ARG B 182 -5.70 13.17 -27.05
C ARG B 182 -5.98 11.74 -27.53
N GLN B 183 -4.93 11.02 -27.89
CA GLN B 183 -5.09 9.66 -28.42
C GLN B 183 -5.68 8.73 -27.37
N TYR B 184 -5.17 8.79 -26.14
CA TYR B 184 -5.74 8.02 -25.01
C TYR B 184 -7.22 8.41 -24.80
N ALA B 185 -7.52 9.70 -24.73
CA ALA B 185 -8.89 10.14 -24.49
C ALA B 185 -9.84 9.70 -25.62
N ASP B 186 -9.38 9.77 -26.87
CA ASP B 186 -10.22 9.37 -28.01
C ASP B 186 -10.50 7.87 -28.02
N ALA B 187 -9.52 7.09 -27.59
CA ALA B 187 -9.71 5.64 -27.43
C ALA B 187 -10.76 5.36 -26.34
N VAL B 188 -10.66 6.09 -25.23
CA VAL B 188 -11.64 5.95 -24.15
C VAL B 188 -13.05 6.26 -24.66
N ARG B 189 -13.21 7.38 -25.37
CA ARG B 189 -14.53 7.77 -25.88
C ARG B 189 -15.09 6.72 -26.86
N ALA B 190 -14.21 6.17 -27.69
CA ALA B 190 -14.65 5.20 -28.68
C ALA B 190 -15.13 3.91 -28.02
N VAL B 191 -14.40 3.44 -27.02
CA VAL B 191 -14.78 2.21 -26.33
C VAL B 191 -16.05 2.45 -25.53
N ASP B 192 -16.13 3.59 -24.88
CA ASP B 192 -17.34 3.95 -24.15
C ASP B 192 -18.56 3.97 -25.07
N ALA B 193 -18.41 4.57 -26.25
CA ALA B 193 -19.54 4.61 -27.20
C ALA B 193 -19.93 3.21 -27.68
N ALA B 194 -18.93 2.36 -27.94
CA ALA B 194 -19.20 0.96 -28.33
C ALA B 194 -19.98 0.22 -27.25
N ILE B 195 -19.64 0.46 -25.99
CA ILE B 195 -20.36 -0.16 -24.89
C ILE B 195 -21.78 0.37 -24.83
N GLY B 196 -21.96 1.67 -25.08
CA GLY B 196 -23.30 2.24 -25.15
C GLY B 196 -24.14 1.59 -26.24
N ARG B 197 -23.53 1.35 -27.39
CA ARG B 197 -24.23 0.67 -28.49
C ARG B 197 -24.60 -0.77 -28.12
N LEU B 198 -23.74 -1.43 -27.38
CA LEU B 198 -24.04 -2.77 -26.86
C LEU B 198 -25.26 -2.72 -25.94
N LEU B 199 -25.24 -1.78 -25.00
CA LEU B 199 -26.36 -1.61 -24.09
C LEU B 199 -27.65 -1.34 -24.84
N ALA B 200 -27.60 -0.46 -25.83
CA ALA B 200 -28.80 -0.15 -26.60
C ALA B 200 -29.31 -1.39 -27.36
N GLY B 201 -28.40 -2.17 -27.91
CA GLY B 201 -28.72 -3.41 -28.64
C GLY B 201 -29.34 -4.45 -27.72
N MET B 202 -28.78 -4.58 -26.53
CA MET B 202 -29.34 -5.46 -25.50
C MET B 202 -30.77 -5.03 -25.14
N GLN B 203 -31.03 -3.73 -25.13
CA GLN B 203 -32.38 -3.25 -24.82
C GLN B 203 -33.33 -3.64 -25.94
N ARG B 204 -32.90 -3.47 -27.18
CA ARG B 204 -33.73 -3.86 -28.32
C ARG B 204 -33.99 -5.38 -28.39
N ASP B 205 -32.99 -6.16 -28.00
CA ASP B 205 -33.08 -7.63 -27.98
C ASP B 205 -33.86 -8.20 -26.80
N GLY B 206 -34.12 -7.37 -25.79
CA GLY B 206 -34.78 -7.81 -24.56
C GLY B 206 -33.86 -8.52 -23.58
N THR B 207 -32.55 -8.39 -23.74
CA THR B 207 -31.60 -9.02 -22.81
C THR B 207 -31.11 -8.08 -21.73
N ARG B 208 -31.25 -6.78 -21.91
CA ARG B 208 -30.71 -5.83 -20.93
C ARG B 208 -31.24 -6.02 -19.51
N ALA B 209 -32.57 -6.13 -19.38
CA ALA B 209 -33.18 -6.11 -18.06
C ALA B 209 -32.89 -7.36 -17.22
N ARG B 210 -32.41 -8.43 -17.86
CA ARG B 210 -32.10 -9.66 -17.13
C ARG B 210 -30.60 -9.98 -17.12
N THR B 211 -29.78 -8.98 -17.40
CA THR B 211 -28.33 -9.16 -17.43
C THR B 211 -27.66 -8.19 -16.44
N ASN B 212 -26.91 -8.76 -15.50
CA ASN B 212 -26.02 -7.96 -14.66
C ASN B 212 -24.74 -7.65 -15.43
N ILE B 213 -24.20 -6.45 -15.21
CA ILE B 213 -23.04 -6.00 -15.95
C ILE B 213 -21.97 -5.54 -14.96
N ILE B 214 -20.73 -6.00 -15.17
CA ILE B 214 -19.56 -5.51 -14.44
C ILE B 214 -18.55 -4.99 -15.48
N VAL B 215 -18.08 -3.76 -15.27
CA VAL B 215 -17.05 -3.20 -16.11
C VAL B 215 -15.84 -2.97 -15.22
N VAL B 216 -14.72 -3.51 -15.63
CA VAL B 216 -13.45 -3.38 -14.92
C VAL B 216 -12.35 -2.96 -15.87
N SER B 217 -11.21 -2.56 -15.29
CA SER B 217 -9.95 -2.56 -16.00
C SER B 217 -8.94 -3.32 -15.17
N ASP B 218 -7.82 -3.61 -15.81
CA ASP B 218 -6.79 -4.42 -15.21
C ASP B 218 -5.76 -3.57 -14.44
N HIS B 219 -5.59 -2.31 -14.84
CA HIS B 219 -4.64 -1.39 -14.22
C HIS B 219 -4.82 -0.04 -14.91
N GLY B 220 -4.16 0.98 -14.37
CA GLY B 220 -4.14 2.31 -14.99
C GLY B 220 -2.93 2.53 -15.89
N MET B 221 -2.45 3.77 -15.93
CA MET B 221 -1.44 4.17 -16.91
C MET B 221 -0.78 5.40 -16.34
N ALA B 222 0.55 5.43 -16.39
CA ALA B 222 1.36 6.58 -15.96
C ALA B 222 2.15 7.15 -17.11
N GLU B 223 2.46 8.44 -17.01
CA GLU B 223 3.29 9.11 -18.01
C GLU B 223 4.74 8.73 -17.88
N VAL B 224 5.37 8.55 -19.03
CA VAL B 224 6.79 8.26 -19.16
C VAL B 224 7.41 9.37 -20.01
N ALA B 225 8.12 10.27 -19.34
CA ALA B 225 8.67 11.46 -20.00
C ALA B 225 9.82 11.05 -20.92
N PRO B 226 10.18 11.92 -21.87
CA PRO B 226 11.33 11.68 -22.71
C PRO B 226 12.61 11.44 -21.91
N GLY B 227 13.40 10.46 -22.34
CA GLY B 227 14.66 10.16 -21.71
C GLY B 227 14.54 9.29 -20.47
N HIS B 228 13.34 8.74 -20.23
CA HIS B 228 13.08 7.92 -19.04
C HIS B 228 13.18 6.43 -19.34
N ALA B 229 14.04 6.04 -20.26
CA ALA B 229 14.26 4.63 -20.55
C ALA B 229 15.74 4.30 -20.42
N ILE B 230 16.03 3.22 -19.72
CA ILE B 230 17.39 2.72 -19.60
C ILE B 230 17.39 1.32 -20.19
N SER B 231 18.56 0.70 -20.25
CA SER B 231 18.70 -0.68 -20.67
C SER B 231 18.65 -1.57 -19.46
N VAL B 232 18.03 -2.74 -19.60
CA VAL B 232 18.09 -3.73 -18.53
C VAL B 232 19.55 -4.12 -18.23
N GLU B 233 20.42 -4.02 -19.24
CA GLU B 233 21.83 -4.36 -19.04
C GLU B 233 22.63 -3.30 -18.27
N ASP B 234 22.02 -2.12 -18.10
CA ASP B 234 22.53 -1.08 -17.17
C ASP B 234 22.31 -1.52 -15.72
N ILE B 235 21.32 -2.38 -15.49
CA ILE B 235 21.05 -2.89 -14.16
C ILE B 235 22.03 -3.99 -13.79
N ALA B 236 22.19 -4.97 -14.69
CA ALA B 236 23.17 -6.04 -14.52
C ALA B 236 23.71 -6.42 -15.89
N PRO B 237 25.04 -6.52 -16.03
CA PRO B 237 25.57 -6.97 -17.31
C PRO B 237 25.20 -8.42 -17.62
N PRO B 238 25.09 -8.77 -18.91
CA PRO B 238 24.65 -10.10 -19.28
C PRO B 238 25.61 -11.23 -18.86
N GLN B 239 26.85 -10.87 -18.52
CA GLN B 239 27.84 -11.85 -18.04
C GLN B 239 27.54 -12.37 -16.63
N ILE B 240 26.84 -11.57 -15.80
CA ILE B 240 26.51 -12.03 -14.45
C ILE B 240 25.04 -12.42 -14.26
N ALA B 241 24.15 -11.90 -15.08
CA ALA B 241 22.73 -12.24 -14.96
C ALA B 241 21.92 -12.02 -16.25
N THR B 242 20.96 -12.92 -16.48
CA THR B 242 20.05 -12.84 -17.63
C THR B 242 18.78 -12.08 -17.26
N ALA B 243 18.48 -11.02 -17.99
CA ALA B 243 17.18 -10.37 -17.87
C ALA B 243 16.09 -11.23 -18.48
N ILE B 244 15.15 -11.68 -17.65
CA ILE B 244 14.07 -12.54 -18.11
C ILE B 244 12.93 -11.73 -18.68
N THR B 245 12.70 -10.55 -18.08
CA THR B 245 11.68 -9.62 -18.52
C THR B 245 12.25 -8.22 -18.55
N ASP B 246 11.65 -7.37 -19.38
CA ASP B 246 11.94 -5.95 -19.36
C ASP B 246 10.66 -5.17 -19.09
N GLY B 247 10.74 -3.84 -19.19
CA GLY B 247 9.59 -2.97 -18.99
C GLY B 247 9.71 -2.27 -17.65
N GLN B 248 8.94 -2.71 -16.65
CA GLN B 248 8.92 -2.07 -15.35
C GLN B 248 9.17 -3.03 -14.19
N VAL B 249 8.81 -4.30 -14.37
CA VAL B 249 9.10 -5.37 -13.44
C VAL B 249 10.14 -6.26 -14.11
N ILE B 250 11.38 -6.15 -13.64
CA ILE B 250 12.54 -6.69 -14.34
C ILE B 250 13.08 -7.86 -13.54
N GLY B 251 12.95 -9.06 -14.09
CA GLY B 251 13.41 -10.26 -13.41
C GLY B 251 14.79 -10.62 -13.92
N PHE B 252 15.70 -10.93 -13.00
CA PHE B 252 17.06 -11.36 -13.37
C PHE B 252 17.33 -12.73 -12.78
N GLU B 253 17.93 -13.60 -13.60
CA GLU B 253 18.43 -14.87 -13.11
C GLU B 253 19.96 -14.91 -13.21
N PRO B 254 20.65 -14.86 -12.07
CA PRO B 254 22.12 -14.94 -12.10
C PRO B 254 22.65 -16.16 -12.85
N LEU B 255 23.74 -15.98 -13.58
CA LEU B 255 24.38 -17.10 -14.25
C LEU B 255 24.98 -18.02 -13.20
N PRO B 256 25.23 -19.30 -13.56
CA PRO B 256 25.79 -20.19 -12.53
C PRO B 256 27.08 -19.64 -11.90
N GLY B 257 27.16 -19.68 -10.58
CA GLY B 257 28.33 -19.16 -9.87
C GLY B 257 28.44 -17.64 -9.84
N GLN B 258 27.41 -16.95 -10.33
CA GLN B 258 27.41 -15.48 -10.36
C GLN B 258 26.40 -14.85 -9.40
N GLN B 259 25.74 -15.65 -8.55
CA GLN B 259 24.77 -15.11 -7.59
C GLN B 259 25.36 -13.95 -6.77
N ALA B 260 26.57 -14.11 -6.24
CA ALA B 260 27.16 -13.05 -5.42
C ALA B 260 27.44 -11.78 -6.22
N ALA B 261 27.98 -11.94 -7.42
CA ALA B 261 28.25 -10.80 -8.30
C ALA B 261 26.95 -10.09 -8.66
N ALA B 262 25.94 -10.87 -9.05
CA ALA B 262 24.65 -10.31 -9.44
C ALA B 262 24.04 -9.55 -8.28
N GLU B 263 23.99 -10.18 -7.11
CA GLU B 263 23.45 -9.54 -5.92
C GLU B 263 24.20 -8.26 -5.56
N ALA B 264 25.53 -8.31 -5.61
CA ALA B 264 26.34 -7.14 -5.27
C ALA B 264 26.02 -5.94 -6.16
N SER B 265 25.74 -6.22 -7.44
N SER B 265 25.77 -6.21 -7.45
CA SER B 265 25.50 -5.14 -8.41
CA SER B 265 25.49 -5.13 -8.40
C SER B 265 24.03 -4.74 -8.54
C SER B 265 24.03 -4.70 -8.41
N VAL B 266 23.12 -5.65 -8.21
CA VAL B 266 21.68 -5.41 -8.40
C VAL B 266 20.92 -5.03 -7.14
N LEU B 267 21.18 -5.69 -6.03
CA LEU B 267 20.31 -5.49 -4.86
C LEU B 267 20.39 -4.06 -4.34
N GLY B 268 19.24 -3.57 -3.88
CA GLY B 268 19.17 -2.30 -3.19
C GLY B 268 18.57 -1.18 -4.03
N ALA B 269 18.89 0.05 -3.60
CA ALA B 269 18.37 1.27 -4.21
C ALA B 269 19.30 1.78 -5.29
N HIS B 270 18.71 2.18 -6.41
CA HIS B 270 19.45 2.78 -7.53
C HIS B 270 18.72 4.04 -7.98
N ASP B 271 19.22 4.71 -9.00
N ASP B 271 19.19 4.73 -9.01
CA ASP B 271 18.69 6.02 -9.36
CA ASP B 271 18.65 6.06 -9.30
C ASP B 271 17.15 5.99 -9.51
C ASP B 271 17.15 6.10 -9.65
N HIS B 272 16.68 5.11 -10.39
CA HIS B 272 15.27 5.10 -10.82
C HIS B 272 14.63 3.73 -10.70
N TYR B 273 15.16 2.94 -9.79
CA TYR B 273 14.66 1.58 -9.53
C TYR B 273 15.21 1.06 -8.21
N ASP B 274 14.60 -0.03 -7.73
CA ASP B 274 15.06 -0.77 -6.59
C ASP B 274 14.98 -2.25 -6.93
N CYS B 275 15.83 -3.05 -6.32
CA CYS B 275 15.82 -4.50 -6.54
C CYS B 275 15.90 -5.27 -5.24
N TRP B 276 15.28 -6.44 -5.27
CA TRP B 276 15.21 -7.36 -4.13
C TRP B 276 15.39 -8.80 -4.55
N ARG B 277 15.85 -9.65 -3.64
CA ARG B 277 15.68 -11.10 -3.78
C ARG B 277 14.18 -11.39 -3.79
N LYS B 278 13.72 -12.33 -4.60
CA LYS B 278 12.25 -12.48 -4.72
C LYS B 278 11.57 -12.78 -3.38
N ALA B 279 12.23 -13.52 -2.50
CA ALA B 279 11.67 -13.85 -1.19
C ALA B 279 11.63 -12.66 -0.23
N GLU B 280 12.37 -11.59 -0.56
CA GLU B 280 12.49 -10.42 0.30
C GLU B 280 11.79 -9.18 -0.29
N LEU B 281 10.95 -9.39 -1.30
CA LEU B 281 10.19 -8.29 -1.89
C LEU B 281 9.26 -7.68 -0.86
N PRO B 282 8.99 -6.38 -0.98
CA PRO B 282 8.06 -5.73 -0.04
C PRO B 282 6.79 -6.55 0.19
N ALA B 283 6.47 -6.81 1.46
CA ALA B 283 5.38 -7.69 1.81
C ALA B 283 4.02 -7.26 1.26
N ARG B 284 3.80 -5.95 1.16
CA ARG B 284 2.54 -5.42 0.63
C ARG B 284 2.22 -5.82 -0.81
N TRP B 285 3.23 -6.19 -1.60
CA TRP B 285 3.00 -6.65 -2.96
C TRP B 285 2.56 -8.11 -3.02
N GLN B 286 2.68 -8.84 -1.92
CA GLN B 286 2.26 -10.25 -1.87
C GLN B 286 2.73 -11.03 -3.09
N TYR B 287 4.04 -11.00 -3.32
CA TYR B 287 4.62 -11.56 -4.53
C TYR B 287 6.03 -12.01 -4.19
N GLY B 288 6.46 -13.11 -4.81
CA GLY B 288 7.83 -13.57 -4.68
C GLY B 288 8.01 -15.01 -4.22
N SER B 289 6.90 -15.67 -3.86
N SER B 289 6.93 -15.68 -3.84
CA SER B 289 6.93 -17.08 -3.43
CA SER B 289 7.01 -17.09 -3.45
C SER B 289 6.78 -18.07 -4.57
C SER B 289 6.97 -18.02 -4.65
N HIS B 290 6.29 -17.61 -5.73
CA HIS B 290 6.04 -18.52 -6.82
C HIS B 290 7.33 -18.96 -7.52
N PRO B 291 7.49 -20.26 -7.79
CA PRO B 291 8.71 -20.71 -8.46
C PRO B 291 9.07 -20.07 -9.81
N ARG B 292 8.08 -19.63 -10.57
CA ARG B 292 8.32 -19.03 -11.88
C ARG B 292 8.93 -17.63 -11.81
N ILE B 293 8.92 -17.00 -10.64
CA ILE B 293 9.45 -15.65 -10.53
C ILE B 293 10.98 -15.73 -10.50
N PRO B 294 11.67 -14.94 -11.32
CA PRO B 294 13.14 -15.00 -11.28
C PRO B 294 13.73 -14.67 -9.92
N SER B 295 14.95 -15.13 -9.70
N SER B 295 14.96 -15.13 -9.66
CA SER B 295 15.64 -14.98 -8.43
CA SER B 295 15.58 -14.97 -8.34
C SER B 295 15.64 -13.55 -7.88
C SER B 295 15.69 -13.53 -7.84
N LEU B 296 15.93 -12.60 -8.76
CA LEU B 296 16.06 -11.18 -8.41
C LEU B 296 15.01 -10.39 -9.16
N VAL B 297 14.31 -9.50 -8.46
CA VAL B 297 13.26 -8.71 -9.09
C VAL B 297 13.51 -7.24 -8.83
N CYS B 298 13.52 -6.46 -9.91
CA CYS B 298 13.64 -5.01 -9.83
C CYS B 298 12.32 -4.36 -10.22
N GLN B 299 11.95 -3.31 -9.50
CA GLN B 299 10.79 -2.49 -9.80
C GLN B 299 11.26 -1.09 -10.20
N MET B 300 10.98 -0.71 -11.44
CA MET B 300 11.29 0.61 -11.91
C MET B 300 10.40 1.60 -11.20
N HIS B 301 10.94 2.79 -10.88
CA HIS B 301 10.12 3.86 -10.36
C HIS B 301 9.09 4.35 -11.38
N GLU B 302 7.99 4.88 -10.85
CA GLU B 302 6.92 5.41 -11.66
C GLU B 302 7.47 6.34 -12.75
N GLY B 303 7.09 6.05 -14.00
CA GLY B 303 7.45 6.90 -15.13
C GLY B 303 8.77 6.54 -15.78
N TRP B 304 9.34 5.41 -15.40
CA TRP B 304 10.62 4.92 -15.97
C TRP B 304 10.45 3.52 -16.55
N ASP B 305 11.15 3.26 -17.65
CA ASP B 305 11.22 1.94 -18.27
C ASP B 305 12.66 1.44 -18.33
N ALA B 306 12.83 0.12 -18.24
CA ALA B 306 14.13 -0.51 -18.55
C ALA B 306 13.85 -1.52 -19.65
N LEU B 307 14.50 -1.36 -20.79
CA LEU B 307 14.20 -2.14 -21.98
C LEU B 307 15.34 -3.06 -22.37
N PHE B 308 15.01 -4.15 -23.07
CA PHE B 308 16.06 -4.98 -23.65
C PHE B 308 16.86 -4.09 -24.60
N PRO B 309 18.17 -4.35 -24.72
CA PRO B 309 19.00 -3.46 -25.51
C PRO B 309 18.53 -3.30 -26.96
N ASP B 310 18.04 -4.36 -27.59
CA ASP B 310 17.60 -4.23 -28.99
C ASP B 310 16.38 -3.31 -29.11
N LYS B 311 15.49 -3.39 -28.12
CA LYS B 311 14.30 -2.54 -28.08
C LYS B 311 14.67 -1.09 -27.80
N LEU B 312 15.58 -0.87 -26.86
CA LEU B 312 16.03 0.48 -26.53
C LEU B 312 16.67 1.15 -27.75
N ALA B 313 17.46 0.39 -28.50
CA ALA B 313 18.12 0.94 -29.67
C ALA B 313 17.11 1.31 -30.77
N LYS B 314 16.07 0.51 -30.95
CA LYS B 314 15.16 0.72 -32.09
C LYS B 314 13.96 1.61 -31.81
N ARG B 315 13.56 1.72 -30.54
N ARG B 315 13.56 1.73 -30.54
CA ARG B 315 12.41 2.56 -30.17
CA ARG B 315 12.38 2.53 -30.23
C ARG B 315 12.75 4.02 -30.44
C ARG B 315 12.71 4.02 -30.41
N ALA B 316 11.99 4.65 -31.33
CA ALA B 316 12.26 6.06 -31.69
C ALA B 316 11.82 6.96 -30.54
N GLN B 317 12.63 7.95 -30.23
CA GLN B 317 12.35 8.88 -29.16
C GLN B 317 11.79 10.19 -29.71
N ARG B 318 10.89 10.79 -28.94
CA ARG B 318 10.42 12.14 -29.22
C ARG B 318 9.72 12.66 -27.98
N GLY B 319 8.50 12.20 -27.75
CA GLY B 319 7.66 12.74 -26.72
C GLY B 319 7.30 11.78 -25.59
N THR B 320 6.14 12.06 -25.00
CA THR B 320 5.67 11.35 -23.83
C THR B 320 5.02 10.04 -24.22
N ARG B 321 5.34 9.00 -23.46
CA ARG B 321 4.70 7.71 -23.62
C ARG B 321 3.94 7.41 -22.34
N GLY B 322 3.41 6.20 -22.25
CA GLY B 322 2.85 5.70 -21.00
C GLY B 322 3.29 4.30 -20.69
N SER B 323 3.21 3.97 -19.41
CA SER B 323 3.50 2.62 -18.94
C SER B 323 2.68 2.34 -17.70
N HIS B 324 2.52 1.06 -17.42
CA HIS B 324 2.02 0.61 -16.15
C HIS B 324 3.03 -0.39 -15.64
N GLY B 325 2.63 -1.36 -14.81
CA GLY B 325 3.61 -2.23 -14.20
C GLY B 325 4.35 -1.62 -13.02
N TYR B 326 3.86 -0.48 -12.52
CA TYR B 326 4.42 0.15 -11.34
C TYR B 326 3.67 -0.31 -10.07
N ASP B 327 4.22 0.08 -8.93
CA ASP B 327 3.64 -0.20 -7.61
C ASP B 327 2.10 -0.04 -7.67
N PRO B 328 1.33 -1.12 -7.45
CA PRO B 328 -0.15 -1.07 -7.54
C PRO B 328 -0.85 -0.10 -6.61
N ALA B 329 -0.18 0.34 -5.55
CA ALA B 329 -0.71 1.34 -4.62
C ALA B 329 -0.75 2.73 -5.21
N LEU B 330 0.02 2.95 -6.28
CA LEU B 330 0.06 4.26 -6.90
C LEU B 330 -1.28 4.64 -7.50
N PRO B 331 -1.72 5.89 -7.26
CA PRO B 331 -2.94 6.33 -7.88
C PRO B 331 -2.96 6.12 -9.41
N SER B 332 -1.81 6.31 -10.06
CA SER B 332 -1.74 6.16 -11.53
C SER B 332 -2.06 4.74 -11.99
N MET B 333 -1.83 3.77 -11.11
CA MET B 333 -2.05 2.35 -11.43
C MET B 333 -3.49 1.88 -11.14
N ARG B 334 -4.29 2.72 -10.50
CA ARG B 334 -5.66 2.36 -10.15
C ARG B 334 -6.54 2.06 -11.36
N ALA B 335 -7.34 1.01 -11.21
CA ALA B 335 -8.28 0.54 -12.21
C ALA B 335 -9.73 0.93 -11.86
N VAL B 336 -10.63 0.57 -12.77
N VAL B 336 -10.65 0.64 -12.77
CA VAL B 336 -12.07 0.85 -12.65
CA VAL B 336 -12.06 0.91 -12.53
C VAL B 336 -12.85 -0.36 -12.13
C VAL B 336 -12.84 -0.33 -12.13
N PHE B 337 -13.89 -0.10 -11.35
CA PHE B 337 -14.88 -1.11 -11.06
C PHE B 337 -16.23 -0.42 -11.04
N LEU B 338 -17.15 -0.88 -11.87
CA LEU B 338 -18.51 -0.45 -11.77
C LEU B 338 -19.42 -1.61 -12.15
N ALA B 339 -20.67 -1.56 -11.69
CA ALA B 339 -21.59 -2.63 -11.95
C ALA B 339 -23.02 -2.13 -11.95
N GLN B 340 -23.88 -2.78 -12.70
CA GLN B 340 -25.27 -2.38 -12.81
C GLN B 340 -26.11 -3.56 -13.28
N GLY B 341 -27.33 -3.65 -12.78
CA GLY B 341 -28.19 -4.75 -13.17
C GLY B 341 -29.23 -5.09 -12.13
N PRO B 342 -30.10 -6.04 -12.47
CA PRO B 342 -31.22 -6.38 -11.62
C PRO B 342 -30.84 -6.84 -10.21
N ASP B 343 -29.63 -7.39 -10.03
CA ASP B 343 -29.21 -7.92 -8.73
C ASP B 343 -28.26 -6.99 -7.99
N LEU B 344 -28.02 -5.81 -8.56
CA LEU B 344 -26.99 -4.90 -8.08
C LEU B 344 -27.63 -3.61 -7.58
N ALA B 345 -26.98 -2.97 -6.62
CA ALA B 345 -27.47 -1.72 -6.05
C ALA B 345 -27.56 -0.59 -7.09
N GLN B 346 -28.29 0.46 -6.73
CA GLN B 346 -28.55 1.59 -7.62
C GLN B 346 -28.17 2.92 -6.99
N GLY B 347 -27.27 3.65 -7.64
CA GLY B 347 -26.86 4.97 -7.20
C GLY B 347 -25.90 4.92 -6.04
N LYS B 348 -25.04 3.91 -6.01
CA LYS B 348 -24.19 3.68 -4.84
C LYS B 348 -22.71 3.83 -5.16
N THR B 349 -21.95 4.37 -4.22
CA THR B 349 -20.51 4.49 -4.37
C THR B 349 -19.83 3.69 -3.26
N LEU B 350 -18.82 2.91 -3.62
CA LEU B 350 -18.03 2.12 -2.66
C LEU B 350 -16.62 2.66 -2.49
N PRO B 351 -16.02 2.44 -1.32
CA PRO B 351 -14.60 2.79 -1.15
C PRO B 351 -13.67 2.05 -2.11
N GLY B 352 -12.46 2.57 -2.30
CA GLY B 352 -11.45 1.85 -3.08
C GLY B 352 -11.19 0.49 -2.45
N PHE B 353 -10.92 -0.51 -3.28
CA PHE B 353 -10.75 -1.88 -2.81
C PHE B 353 -9.80 -2.67 -3.73
N ASP B 354 -9.35 -3.83 -3.26
N ASP B 354 -9.46 -3.87 -3.30
CA ASP B 354 -8.39 -4.67 -3.99
CA ASP B 354 -8.48 -4.73 -3.95
C ASP B 354 -9.08 -5.62 -4.98
C ASP B 354 -9.11 -5.64 -5.00
N ASN B 355 -8.49 -5.77 -6.17
CA ASN B 355 -9.11 -6.51 -7.26
C ASN B 355 -9.39 -8.01 -7.05
N VAL B 356 -8.73 -8.61 -6.06
CA VAL B 356 -9.02 -10.00 -5.69
C VAL B 356 -10.45 -10.19 -5.16
N ASP B 357 -11.09 -9.09 -4.77
CA ASP B 357 -12.41 -9.17 -4.20
C ASP B 357 -13.53 -9.33 -5.22
N VAL B 358 -13.26 -9.10 -6.51
CA VAL B 358 -14.32 -9.17 -7.52
C VAL B 358 -14.86 -10.60 -7.71
N TYR B 359 -13.96 -11.57 -7.62
CA TYR B 359 -14.32 -12.97 -7.85
C TYR B 359 -15.51 -13.43 -6.97
N ALA B 360 -15.47 -13.11 -5.69
CA ALA B 360 -16.53 -13.50 -4.76
C ALA B 360 -17.87 -12.95 -5.21
N LEU B 361 -17.87 -11.71 -5.73
CA LEU B 361 -19.12 -11.14 -6.24
C LEU B 361 -19.60 -11.87 -7.48
N MET B 362 -18.68 -12.14 -8.42
CA MET B 362 -19.08 -12.82 -9.65
C MET B 362 -19.61 -14.22 -9.41
N SER B 363 -19.01 -14.94 -8.47
N SER B 363 -18.99 -14.94 -8.47
CA SER B 363 -19.47 -16.31 -8.18
CA SER B 363 -19.44 -16.29 -8.14
C SER B 363 -20.90 -16.29 -7.66
C SER B 363 -20.89 -16.27 -7.68
N ARG B 364 -21.21 -15.32 -6.80
CA ARG B 364 -22.58 -15.13 -6.33
C ARG B 364 -23.55 -14.82 -7.49
N LEU B 365 -23.17 -13.87 -8.34
CA LEU B 365 -24.02 -13.48 -9.46
C LEU B 365 -24.22 -14.59 -10.51
N LEU B 366 -23.23 -15.45 -10.64
CA LEU B 366 -23.27 -16.60 -11.57
C LEU B 366 -23.84 -17.87 -10.94
N GLY B 367 -24.08 -17.85 -9.65
CA GLY B 367 -24.61 -19.04 -8.96
C GLY B 367 -23.68 -20.22 -8.98
N ILE B 368 -22.38 -19.97 -8.81
CA ILE B 368 -21.38 -21.04 -8.78
C ILE B 368 -20.69 -21.04 -7.42
N PRO B 369 -20.22 -22.21 -6.98
CA PRO B 369 -19.48 -22.19 -5.74
C PRO B 369 -18.19 -21.42 -5.93
N ALA B 370 -17.85 -20.60 -4.94
CA ALA B 370 -16.60 -19.86 -4.97
C ALA B 370 -15.45 -20.77 -4.61
N ALA B 371 -14.53 -20.97 -5.56
CA ALA B 371 -13.28 -21.68 -5.27
C ALA B 371 -12.47 -20.95 -4.20
N PRO B 372 -11.59 -21.69 -3.49
CA PRO B 372 -10.71 -21.02 -2.52
C PRO B 372 -9.94 -19.88 -3.18
N ASN B 373 -9.97 -18.70 -2.59
CA ASN B 373 -9.34 -17.53 -3.21
C ASN B 373 -8.79 -16.55 -2.17
N ASP B 374 -8.18 -15.47 -2.67
CA ASP B 374 -7.45 -14.50 -1.86
C ASP B 374 -8.28 -13.29 -1.48
N GLY B 375 -9.52 -13.22 -1.97
CA GLY B 375 -10.38 -12.07 -1.77
C GLY B 375 -11.23 -12.18 -0.54
N ASN B 376 -11.89 -11.08 -0.21
CA ASN B 376 -12.80 -10.98 0.94
C ASN B 376 -14.23 -10.86 0.44
N PRO B 377 -15.11 -11.82 0.76
CA PRO B 377 -16.49 -11.71 0.26
C PRO B 377 -17.24 -10.51 0.82
N ALA B 378 -16.81 -9.97 1.94
CA ALA B 378 -17.57 -8.85 2.54
C ALA B 378 -17.50 -7.59 1.69
N THR B 379 -16.39 -7.43 0.96
CA THR B 379 -16.12 -6.13 0.34
C THR B 379 -17.22 -5.68 -0.61
N LEU B 380 -17.70 -6.61 -1.43
CA LEU B 380 -18.65 -6.25 -2.47
C LEU B 380 -20.07 -6.70 -2.16
N LEU B 381 -20.33 -7.20 -0.95
CA LEU B 381 -21.70 -7.41 -0.53
C LEU B 381 -22.55 -6.14 -0.66
N PRO B 382 -22.00 -4.98 -0.31
CA PRO B 382 -22.74 -3.72 -0.56
C PRO B 382 -23.02 -3.36 -2.02
N ALA B 383 -22.44 -4.08 -2.98
CA ALA B 383 -22.78 -3.86 -4.39
C ALA B 383 -24.11 -4.53 -4.76
N LEU B 384 -24.58 -5.44 -3.91
CA LEU B 384 -25.79 -6.21 -4.19
C LEU B 384 -27.02 -5.36 -3.90
N ARG B 385 -28.10 -5.60 -4.64
CA ARG B 385 -29.31 -4.81 -4.49
C ARG B 385 -29.93 -5.01 -3.11
N MET B 386 -29.82 -6.22 -2.59
CA MET B 386 -30.18 -6.45 -1.19
C MET B 386 -29.16 -7.38 -0.58
#